data_5RM3
#
_entry.id   5RM3
#
_cell.length_a   59.130
_cell.length_b   70.161
_cell.length_c   85.280
_cell.angle_alpha   102.810
_cell.angle_beta   96.130
_cell.angle_gamma   112.390
#
_symmetry.space_group_name_H-M   'P 1'
#
loop_
_entity.id
_entity.type
_entity.pdbx_description
1 polymer Helicase
2 non-polymer 2-(trifluoromethyl)pyrimidine-5-carboxamide
3 non-polymer 'ZINC ION'
4 non-polymer 'PHOSPHATE ION'
5 water water
#
_entity_poly.entity_id   1
_entity_poly.type   'polypeptide(L)'
_entity_poly.pdbx_seq_one_letter_code
;AVGACVLCNSQTSLRCGACIRRPFLCCKCCYDHVISTSHKLVLSVNPYVCNAPGCDVTDVTQLYLGGMSYYCKSHKPPIS
FPLCANGQVFGLYKNTCVGSDNVTDFNAIATCDWTNAGDYILANTCTERLKLFAAETLKATEETFKLSYGIATVREVLSD
RELHLSWEVGKPRPPLNRNYVFTGYRVTKNSKVQIGEYTFEKGDYGDAVVYRGTTTYKLNVGDYFVLTSHTVMPLSAPTL
VPQEHYVRITGLYPTLNISDEFSSNVANYQKVGMQKYSTLQGPPGTGKSHFAIGLALYYPSARIVYTACSHAAVDALCEK
ALKYLPIDKCSRIIPARARVECFDKFKVNSTLEQYVFCTVNALPETTADIVVFDEISMATNYDLSVVNARLRAKHYVYIG
DPAQLPAPRTLLTKGTLEPEYFNSVCRLMKTIGPDMFLGTCRRCPAEIVDTVSALVYDNKLKAHKDKSAQCFKMFYKGVI
THDVSSAINRPQIGVVREFLTRNPAWRKAVFISPYNSQNAVASKILGLPTQTVDSSQGSEYDYVIFTQTTETAHSCNVNR
FNVAITRAKVGILCIMSDRDLYDKLQFTSLEIPRRNVATLQ
;
_entity_poly.pdbx_strand_id   B,A
#
# COMPACT_ATOMS: atom_id res chain seq x y z
N VAL A 2 14.03 -8.80 20.83
CA VAL A 2 14.84 -7.83 21.67
C VAL A 2 14.42 -6.41 21.28
N GLY A 3 14.63 -5.41 22.16
CA GLY A 3 14.21 -4.02 21.92
C GLY A 3 14.35 -3.15 23.16
N ALA A 4 13.50 -2.13 23.27
CA ALA A 4 13.64 -0.96 24.19
C ALA A 4 12.47 -0.83 25.17
N CYS A 5 12.77 -0.89 26.46
CA CYS A 5 11.79 -0.78 27.58
C CYS A 5 11.07 0.58 27.54
N VAL A 6 9.84 0.60 27.03
CA VAL A 6 8.94 1.79 26.91
C VAL A 6 8.90 2.63 28.21
N LEU A 7 9.43 2.18 29.36
CA LEU A 7 9.41 2.97 30.62
C LEU A 7 10.80 3.54 31.00
N CYS A 8 11.86 2.74 30.78
CA CYS A 8 13.29 3.04 31.07
C CYS A 8 14.05 3.32 29.78
N ASN A 9 13.73 2.54 28.74
CA ASN A 9 14.44 2.44 27.44
C ASN A 9 15.49 1.34 27.55
N SER A 10 15.92 1.04 28.79
CA SER A 10 16.74 -0.14 29.17
C SER A 10 16.55 -1.22 28.11
N GLN A 11 17.63 -1.77 27.56
CA GLN A 11 17.60 -2.80 26.48
C GLN A 11 17.10 -4.11 27.09
N THR A 12 16.05 -4.73 26.53
CA THR A 12 15.41 -5.94 27.14
C THR A 12 15.08 -7.00 26.10
N SER A 13 14.92 -8.24 26.57
CA SER A 13 14.56 -9.42 25.74
C SER A 13 13.13 -9.87 26.05
N LEU A 14 12.35 -9.03 26.73
CA LEU A 14 10.99 -9.39 27.24
C LEU A 14 9.94 -8.48 26.59
N ARG A 15 8.82 -9.07 26.15
CA ARG A 15 7.55 -8.31 25.89
C ARG A 15 6.43 -8.90 26.74
N CYS A 16 5.62 -8.04 27.38
CA CYS A 16 4.35 -8.44 28.05
C CYS A 16 3.47 -9.06 26.98
N GLY A 17 3.00 -10.27 27.21
CA GLY A 17 2.21 -11.03 26.23
C GLY A 17 0.73 -10.73 26.42
N ALA A 18 0.32 -10.25 27.61
CA ALA A 18 -1.08 -9.93 27.94
C ALA A 18 -1.47 -8.56 27.35
N CYS A 19 -0.51 -7.62 27.30
CA CYS A 19 -0.61 -6.32 26.56
C CYS A 19 -0.87 -6.57 25.07
N ILE A 20 -1.86 -5.90 24.50
CA ILE A 20 -2.30 -6.20 23.12
C ILE A 20 -1.25 -5.73 22.13
N ARG A 21 -0.40 -4.77 22.51
CA ARG A 21 0.74 -4.24 21.71
C ARG A 21 2.06 -4.97 21.99
N ARG A 22 2.14 -5.77 23.07
CA ARG A 22 3.36 -6.51 23.45
C ARG A 22 4.56 -5.58 23.57
N PRO A 23 4.49 -4.55 24.41
CA PRO A 23 5.61 -3.63 24.57
C PRO A 23 6.79 -4.40 25.14
N PHE A 24 8.00 -4.22 24.58
CA PHE A 24 9.28 -4.54 25.26
C PHE A 24 9.26 -3.94 26.65
N LEU A 25 9.56 -4.77 27.66
CA LEU A 25 9.69 -4.36 29.09
C LEU A 25 11.01 -4.94 29.66
N CYS A 26 11.74 -4.13 30.44
CA CYS A 26 13.04 -4.46 31.09
C CYS A 26 12.76 -5.25 32.37
N CYS A 27 13.57 -6.28 32.61
CA CYS A 27 13.55 -7.07 33.86
C CYS A 27 12.85 -6.28 34.96
N LYS A 28 13.30 -5.08 35.30
CA LYS A 28 12.69 -4.36 36.45
C LYS A 28 11.23 -4.07 36.08
N CYS A 29 11.01 -3.51 34.88
CA CYS A 29 9.70 -2.90 34.48
C CYS A 29 8.73 -4.04 34.14
N CYS A 30 9.19 -5.08 33.41
CA CYS A 30 8.40 -6.32 33.15
C CYS A 30 7.83 -6.89 34.47
N TYR A 31 8.73 -7.09 35.46
CA TYR A 31 8.41 -7.52 36.86
C TYR A 31 7.41 -6.58 37.52
N ASP A 32 7.72 -5.27 37.61
CA ASP A 32 6.85 -4.30 38.34
C ASP A 32 5.47 -4.29 37.69
N HIS A 33 5.42 -4.61 36.39
CA HIS A 33 4.16 -4.68 35.58
C HIS A 33 3.37 -5.94 35.96
N VAL A 34 3.95 -7.15 35.82
CA VAL A 34 3.24 -8.44 36.13
C VAL A 34 2.72 -8.49 37.56
N ILE A 35 3.44 -7.98 38.58
CA ILE A 35 3.03 -8.19 40.01
C ILE A 35 1.90 -7.24 40.37
N SER A 36 1.74 -6.13 39.65
CA SER A 36 0.84 -5.02 40.03
C SER A 36 -0.44 -5.02 39.19
N THR A 37 -0.47 -5.82 38.10
CA THR A 37 -1.64 -6.03 37.20
C THR A 37 -1.98 -7.53 37.11
N SER A 38 -2.89 -7.89 36.19
CA SER A 38 -3.35 -9.27 35.86
C SER A 38 -2.52 -9.84 34.71
N HIS A 39 -1.73 -9.00 34.06
CA HIS A 39 -0.87 -9.40 32.93
C HIS A 39 0.20 -10.35 33.49
N LYS A 40 0.25 -11.62 33.06
CA LYS A 40 1.33 -12.54 33.52
C LYS A 40 1.94 -13.35 32.37
N LEU A 41 1.48 -13.19 31.12
CA LEU A 41 2.17 -13.88 29.99
C LEU A 41 3.38 -13.02 29.62
N VAL A 42 4.55 -13.63 29.43
CA VAL A 42 5.81 -12.88 29.14
C VAL A 42 6.45 -13.55 27.93
N LEU A 43 6.80 -12.75 26.94
CA LEU A 43 7.42 -13.19 25.67
C LEU A 43 8.85 -12.66 25.67
N SER A 44 9.81 -13.43 25.14
CA SER A 44 11.25 -13.08 25.08
C SER A 44 11.79 -13.19 23.65
N VAL A 45 12.71 -14.14 23.45
CA VAL A 45 13.01 -14.82 22.14
C VAL A 45 12.10 -16.05 22.08
N ASN A 46 11.46 -16.36 23.21
CA ASN A 46 10.36 -17.37 23.29
C ASN A 46 9.26 -16.81 24.18
N PRO A 47 8.13 -17.54 24.31
CA PRO A 47 7.10 -17.27 25.33
C PRO A 47 7.39 -18.03 26.63
N TYR A 48 7.57 -17.30 27.75
CA TYR A 48 7.68 -17.87 29.12
C TYR A 48 6.36 -18.58 29.41
N VAL A 49 6.25 -19.80 28.89
CA VAL A 49 5.11 -20.72 29.09
C VAL A 49 5.74 -22.08 29.43
N CYS A 50 5.04 -22.92 30.21
CA CYS A 50 5.55 -24.26 30.62
C CYS A 50 5.62 -25.19 29.40
N ASN A 51 6.84 -25.62 29.02
CA ASN A 51 7.09 -26.54 27.87
C ASN A 51 6.89 -28.00 28.29
N ALA A 52 6.11 -28.28 29.34
CA ALA A 52 5.73 -29.65 29.73
C ALA A 52 4.52 -30.07 28.91
N PRO A 53 4.33 -31.38 28.63
CA PRO A 53 3.34 -31.83 27.65
C PRO A 53 1.90 -31.74 28.18
N GLY A 54 1.07 -30.88 27.55
CA GLY A 54 -0.29 -30.54 28.00
C GLY A 54 -0.31 -29.99 29.42
N CYS A 55 0.46 -28.93 29.68
CA CYS A 55 0.41 -28.07 30.91
C CYS A 55 -0.01 -26.64 30.50
N ASP A 56 -1.00 -26.09 31.21
CA ASP A 56 -1.65 -24.79 30.85
C ASP A 56 -0.78 -23.62 31.31
N VAL A 57 0.19 -23.84 32.20
CA VAL A 57 0.82 -22.75 33.02
C VAL A 57 1.55 -21.77 32.08
N THR A 58 1.04 -20.53 32.05
CA THR A 58 1.54 -19.33 31.33
C THR A 58 2.05 -18.27 32.32
N ASP A 59 1.55 -18.24 33.56
CA ASP A 59 1.89 -17.20 34.58
C ASP A 59 3.39 -17.28 34.84
N VAL A 60 4.09 -16.18 34.67
CA VAL A 60 5.57 -16.11 34.77
C VAL A 60 5.98 -16.21 36.24
N THR A 61 5.12 -15.80 37.18
CA THR A 61 5.36 -15.94 38.64
C THR A 61 5.36 -17.43 39.05
N GLN A 62 4.72 -18.31 38.27
CA GLN A 62 4.58 -19.75 38.60
C GLN A 62 5.51 -20.59 37.72
N LEU A 63 6.57 -20.00 37.14
CA LEU A 63 7.43 -20.71 36.15
C LEU A 63 8.90 -20.55 36.49
N TYR A 64 9.70 -21.50 36.00
CA TYR A 64 11.13 -21.73 36.31
C TYR A 64 11.86 -22.12 35.01
N LEU A 65 13.07 -21.60 34.81
CA LEU A 65 14.08 -22.11 33.86
C LEU A 65 14.80 -23.33 34.46
N GLY A 66 14.63 -24.50 33.84
CA GLY A 66 15.32 -25.76 34.19
C GLY A 66 15.80 -26.50 32.94
N GLY A 67 17.11 -26.49 32.67
CA GLY A 67 17.68 -26.76 31.34
C GLY A 67 17.75 -25.48 30.54
N MET A 68 17.23 -25.49 29.31
CA MET A 68 16.99 -24.25 28.51
C MET A 68 15.50 -24.18 28.10
N SER A 69 14.66 -24.95 28.81
CA SER A 69 13.17 -24.94 28.71
C SER A 69 12.58 -24.41 30.03
N TYR A 70 11.31 -23.99 29.99
CA TYR A 70 10.59 -23.32 31.10
C TYR A 70 9.57 -24.29 31.67
N TYR A 71 9.40 -24.32 32.99
CA TYR A 71 8.48 -25.26 33.69
C TYR A 71 7.79 -24.57 34.87
N CYS A 72 6.58 -25.03 35.18
CA CYS A 72 5.87 -24.68 36.44
C CYS A 72 6.48 -25.46 37.61
N LYS A 73 5.88 -25.32 38.80
CA LYS A 73 6.31 -26.02 40.03
C LYS A 73 6.30 -27.53 39.75
N SER A 74 5.25 -28.03 39.07
CA SER A 74 4.92 -29.45 38.86
C SER A 74 5.93 -30.17 37.96
N HIS A 75 6.29 -29.58 36.82
CA HIS A 75 7.03 -30.30 35.75
C HIS A 75 8.52 -29.92 35.75
N LYS A 76 8.96 -29.10 36.70
CA LYS A 76 10.31 -28.50 36.65
C LYS A 76 11.33 -29.58 36.99
N PRO A 77 12.55 -29.53 36.40
CA PRO A 77 13.63 -30.42 36.79
C PRO A 77 14.19 -30.04 38.16
N PRO A 78 15.06 -30.87 38.76
CA PRO A 78 15.53 -30.63 40.13
C PRO A 78 16.37 -29.35 40.21
N ILE A 79 17.14 -29.10 39.14
CA ILE A 79 17.98 -27.88 38.93
C ILE A 79 17.16 -26.93 38.04
N SER A 80 16.62 -25.88 38.67
CA SER A 80 15.91 -24.74 38.02
C SER A 80 16.05 -23.48 38.86
N PHE A 81 15.94 -22.29 38.26
CA PHE A 81 15.68 -21.03 38.99
C PHE A 81 14.40 -20.38 38.48
N PRO A 82 13.64 -19.66 39.33
CA PRO A 82 12.35 -19.11 38.93
C PRO A 82 12.61 -17.99 37.91
N LEU A 83 11.73 -17.83 36.92
CA LEU A 83 11.83 -16.78 35.86
C LEU A 83 11.65 -15.38 36.44
N CYS A 84 11.07 -15.27 37.63
CA CYS A 84 10.40 -14.03 38.10
C CYS A 84 10.55 -13.88 39.60
N ALA A 85 11.76 -13.55 40.07
CA ALA A 85 12.06 -13.21 41.48
C ALA A 85 13.26 -12.25 41.53
N ASN A 86 13.45 -11.55 42.66
CA ASN A 86 14.51 -10.51 42.86
C ASN A 86 14.08 -9.19 42.18
N GLY A 87 12.79 -8.86 42.19
CA GLY A 87 12.22 -7.62 41.59
C GLY A 87 12.55 -7.52 40.10
N GLN A 88 12.85 -8.65 39.50
CA GLN A 88 13.23 -8.76 38.08
C GLN A 88 12.65 -10.04 37.49
N VAL A 89 12.25 -9.99 36.23
CA VAL A 89 11.87 -11.19 35.42
C VAL A 89 13.11 -11.56 34.60
N PHE A 90 13.24 -12.82 34.17
CA PHE A 90 14.50 -13.35 33.59
C PHE A 90 14.52 -13.23 32.06
N GLY A 91 15.58 -12.62 31.52
CA GLY A 91 15.92 -12.64 30.08
C GLY A 91 17.34 -12.13 29.83
N LEU A 92 17.66 -11.72 28.60
CA LEU A 92 18.95 -11.08 28.23
C LEU A 92 19.06 -9.69 28.87
N TYR A 93 20.29 -9.16 28.93
CA TYR A 93 20.65 -7.77 29.33
C TYR A 93 20.18 -7.49 30.77
N LYS A 94 20.30 -8.51 31.65
CA LYS A 94 19.91 -8.52 33.10
C LYS A 94 20.62 -7.40 33.87
N ASN A 95 21.87 -7.11 33.52
CA ASN A 95 22.80 -6.19 34.24
C ASN A 95 22.55 -4.72 33.85
N THR A 96 21.96 -4.47 32.66
CA THR A 96 21.50 -3.13 32.18
C THR A 96 19.96 -3.05 32.25
N CYS A 97 19.44 -2.16 33.10
CA CYS A 97 18.05 -2.13 33.63
C CYS A 97 17.98 -1.08 34.75
N VAL A 98 17.10 -0.08 34.66
CA VAL A 98 17.04 1.10 35.59
C VAL A 98 15.71 1.21 36.36
N GLY A 99 14.56 0.86 35.75
CA GLY A 99 13.23 0.79 36.42
C GLY A 99 12.48 2.12 36.38
N SER A 100 11.53 2.35 37.29
CA SER A 100 10.82 3.65 37.52
C SER A 100 10.31 3.77 38.96
N ASP A 101 10.04 4.99 39.42
CA ASP A 101 9.49 5.30 40.78
C ASP A 101 7.99 4.94 40.81
N ASN A 102 7.28 5.09 39.68
CA ASN A 102 5.85 4.70 39.49
C ASN A 102 5.66 4.15 38.07
N VAL A 103 5.09 2.94 37.98
CA VAL A 103 4.73 2.19 36.73
C VAL A 103 3.21 2.29 36.59
N THR A 104 2.60 3.19 37.36
CA THR A 104 1.12 3.29 37.53
C THR A 104 0.52 3.61 36.16
N ASP A 105 0.95 4.71 35.54
CA ASP A 105 0.43 5.23 34.25
C ASP A 105 0.50 4.12 33.19
N PHE A 106 1.61 3.39 33.10
CA PHE A 106 1.77 2.38 32.03
C PHE A 106 0.79 1.23 32.26
N ASN A 107 0.59 0.83 33.53
CA ASN A 107 -0.37 -0.24 33.91
C ASN A 107 -1.78 0.18 33.48
N ALA A 108 -2.17 1.42 33.78
CA ALA A 108 -3.52 1.95 33.48
C ALA A 108 -3.71 1.97 31.95
N ILE A 109 -2.68 2.37 31.20
CA ILE A 109 -2.72 2.46 29.71
C ILE A 109 -2.85 1.04 29.20
N ALA A 110 -2.20 0.10 29.88
CA ALA A 110 -2.03 -1.29 29.40
C ALA A 110 -3.32 -2.06 29.59
N THR A 111 -4.15 -1.62 30.55
CA THR A 111 -5.32 -2.35 31.12
C THR A 111 -6.64 -1.60 30.99
N CYS A 112 -6.66 -0.30 30.70
CA CYS A 112 -7.92 0.50 30.54
C CYS A 112 -8.64 -0.03 29.30
N ASP A 113 -9.97 0.11 29.23
CA ASP A 113 -10.77 -0.34 28.06
C ASP A 113 -11.13 0.85 27.14
N TRP A 114 -10.66 2.06 27.44
CA TRP A 114 -10.78 3.27 26.58
C TRP A 114 -12.24 3.75 26.48
N THR A 115 -13.09 3.44 27.48
CA THR A 115 -14.53 3.86 27.50
C THR A 115 -14.68 5.14 28.31
N ASN A 116 -13.70 5.48 29.15
CA ASN A 116 -13.74 6.65 30.06
C ASN A 116 -12.80 7.76 29.56
N ALA A 117 -13.25 9.01 29.60
CA ALA A 117 -12.45 10.21 29.28
C ALA A 117 -11.09 10.17 29.98
N GLY A 118 -11.08 9.77 31.25
CA GLY A 118 -9.86 9.78 32.09
C GLY A 118 -8.77 8.96 31.46
N ASP A 119 -9.14 8.03 30.57
CA ASP A 119 -8.16 7.18 29.86
C ASP A 119 -7.43 8.04 28.82
N TYR A 120 -8.16 8.87 28.08
CA TYR A 120 -7.61 9.73 26.99
C TYR A 120 -6.81 10.86 27.65
N ILE A 121 -7.24 11.30 28.84
CA ILE A 121 -6.57 12.39 29.61
C ILE A 121 -5.16 11.91 29.95
N LEU A 122 -5.05 10.65 30.37
CA LEU A 122 -3.77 10.03 30.78
C LEU A 122 -2.88 9.92 29.54
N ALA A 123 -3.45 9.52 28.41
CA ALA A 123 -2.66 9.15 27.21
C ALA A 123 -2.06 10.43 26.66
N ASN A 124 -2.53 11.56 27.20
CA ASN A 124 -2.17 12.90 26.68
C ASN A 124 -1.34 13.65 27.72
N THR A 125 -1.29 13.23 28.98
CA THR A 125 -0.45 13.85 30.04
C THR A 125 0.73 12.94 30.40
N CYS A 126 0.67 11.64 30.12
CA CYS A 126 1.77 10.71 30.47
C CYS A 126 3.05 11.20 29.80
N THR A 127 4.15 10.49 30.00
CA THR A 127 5.44 10.78 29.33
C THR A 127 5.23 10.48 27.84
N GLU A 128 6.10 11.02 27.00
CA GLU A 128 5.94 11.00 25.52
C GLU A 128 5.96 9.53 25.06
N ARG A 129 6.88 8.73 25.59
CA ARG A 129 7.01 7.32 25.15
C ARG A 129 5.72 6.57 25.48
N LEU A 130 5.04 6.94 26.56
CA LEU A 130 3.74 6.34 26.91
C LEU A 130 2.64 6.89 26.00
N LYS A 131 2.66 8.18 25.65
CA LYS A 131 1.76 8.73 24.62
C LYS A 131 1.77 7.82 23.36
N LEU A 132 2.95 7.35 22.92
CA LEU A 132 3.03 6.46 21.73
C LEU A 132 2.41 5.09 22.04
N PHE A 133 2.87 4.45 23.11
CA PHE A 133 2.30 3.18 23.59
C PHE A 133 0.77 3.33 23.72
N ALA A 134 0.26 4.40 24.33
CA ALA A 134 -1.20 4.57 24.51
C ALA A 134 -1.87 4.64 23.11
N ALA A 135 -1.28 5.44 22.23
CA ALA A 135 -1.81 5.74 20.88
C ALA A 135 -1.92 4.44 20.10
N GLU A 136 -0.89 3.59 20.14
CA GLU A 136 -0.96 2.21 19.59
C GLU A 136 -2.06 1.38 20.27
N THR A 137 -2.00 1.28 21.59
CA THR A 137 -2.86 0.40 22.42
C THR A 137 -4.33 0.74 22.15
N LEU A 138 -4.63 2.04 22.10
CA LEU A 138 -5.99 2.58 21.85
C LEU A 138 -6.41 2.23 20.43
N LYS A 139 -5.53 2.43 19.46
CA LYS A 139 -5.93 2.25 18.05
C LYS A 139 -6.15 0.76 17.81
N ALA A 140 -5.28 -0.09 18.34
CA ALA A 140 -5.43 -1.55 18.24
C ALA A 140 -6.72 -1.97 18.94
N THR A 141 -7.07 -1.37 20.09
CA THR A 141 -8.35 -1.65 20.80
C THR A 141 -9.48 -1.23 19.85
N GLU A 142 -9.36 -0.06 19.23
CA GLU A 142 -10.42 0.47 18.34
C GLU A 142 -10.61 -0.50 17.18
N GLU A 143 -9.55 -1.01 16.53
CA GLU A 143 -9.65 -1.90 15.34
C GLU A 143 -10.23 -3.27 15.72
N THR A 144 -9.88 -3.80 16.90
CA THR A 144 -10.34 -5.12 17.45
C THR A 144 -11.84 -5.05 17.77
N PHE A 145 -12.31 -3.93 18.30
CA PHE A 145 -13.72 -3.73 18.72
C PHE A 145 -14.65 -3.75 17.49
N LYS A 146 -14.13 -3.42 16.31
CA LYS A 146 -14.88 -3.50 15.02
C LYS A 146 -15.21 -4.96 14.68
N LEU A 147 -14.30 -5.90 14.96
CA LEU A 147 -14.48 -7.37 14.76
C LEU A 147 -15.59 -7.88 15.67
N SER A 148 -15.88 -7.21 16.78
CA SER A 148 -16.89 -7.64 17.78
C SER A 148 -18.29 -7.53 17.15
N TYR A 149 -18.43 -6.71 16.10
CA TYR A 149 -19.72 -6.39 15.43
C TYR A 149 -20.08 -7.50 14.46
N GLY A 150 -21.37 -7.81 14.37
CA GLY A 150 -21.88 -8.86 13.48
C GLY A 150 -21.73 -8.49 12.01
N ILE A 151 -21.57 -9.48 11.13
CA ILE A 151 -21.61 -9.30 9.66
C ILE A 151 -23.03 -8.87 9.30
N ALA A 152 -23.19 -7.90 8.41
CA ALA A 152 -24.49 -7.61 7.78
C ALA A 152 -24.47 -8.26 6.39
N THR A 153 -25.60 -8.84 5.97
CA THR A 153 -25.74 -9.59 4.70
C THR A 153 -27.01 -9.07 4.01
N VAL A 154 -26.92 -8.83 2.70
CA VAL A 154 -28.05 -8.47 1.79
C VAL A 154 -29.03 -9.64 1.75
N ARG A 155 -30.15 -9.53 2.47
CA ARG A 155 -31.22 -10.55 2.46
C ARG A 155 -32.14 -10.30 1.26
N GLU A 156 -32.40 -9.02 0.94
CA GLU A 156 -33.35 -8.60 -0.11
C GLU A 156 -32.80 -7.31 -0.73
N VAL A 157 -32.86 -7.15 -2.05
CA VAL A 157 -32.65 -5.82 -2.68
C VAL A 157 -34.03 -5.20 -2.95
N LEU A 158 -34.48 -4.28 -2.09
CA LEU A 158 -35.87 -3.72 -2.12
C LEU A 158 -36.00 -2.79 -3.33
N SER A 159 -34.99 -1.93 -3.54
CA SER A 159 -34.90 -0.97 -4.66
C SER A 159 -33.43 -0.77 -5.04
N ASP A 160 -33.10 0.40 -5.60
CA ASP A 160 -31.73 0.97 -5.64
C ASP A 160 -31.60 1.85 -4.39
N ARG A 161 -30.39 2.11 -3.91
CA ARG A 161 -30.10 2.96 -2.71
C ARG A 161 -30.76 2.38 -1.43
N GLU A 162 -31.60 1.33 -1.50
CA GLU A 162 -32.31 0.74 -0.33
C GLU A 162 -32.24 -0.81 -0.33
N LEU A 163 -32.10 -1.39 0.88
CA LEU A 163 -31.71 -2.81 1.13
C LEU A 163 -32.44 -3.35 2.36
N HIS A 164 -32.58 -4.68 2.40
CA HIS A 164 -32.93 -5.50 3.60
C HIS A 164 -31.66 -6.23 4.06
N LEU A 165 -31.20 -5.94 5.27
CA LEU A 165 -30.02 -6.61 5.87
C LEU A 165 -30.49 -7.69 6.86
N SER A 166 -29.86 -8.85 6.77
CA SER A 166 -29.88 -9.92 7.79
C SER A 166 -28.54 -9.84 8.53
N TRP A 167 -28.56 -10.02 9.85
CA TRP A 167 -27.44 -9.71 10.78
C TRP A 167 -27.03 -10.97 11.54
N GLU A 168 -25.75 -11.29 11.50
CA GLU A 168 -25.07 -12.35 12.30
C GLU A 168 -25.63 -12.30 13.73
N VAL A 169 -25.96 -13.47 14.32
CA VAL A 169 -26.65 -13.61 15.65
C VAL A 169 -25.61 -13.73 16.76
N GLY A 170 -25.91 -13.21 17.95
CA GLY A 170 -25.04 -13.30 19.14
C GLY A 170 -23.81 -12.41 19.03
N LYS A 171 -23.86 -11.43 18.12
CA LYS A 171 -22.87 -10.32 17.99
C LYS A 171 -23.63 -8.99 17.88
N PRO A 172 -23.20 -7.92 18.56
CA PRO A 172 -23.84 -6.61 18.39
C PRO A 172 -23.74 -6.09 16.95
N ARG A 173 -24.71 -5.26 16.57
CA ARG A 173 -24.78 -4.51 15.28
C ARG A 173 -24.17 -3.14 15.48
N PRO A 174 -23.27 -2.66 14.59
CA PRO A 174 -22.71 -1.32 14.73
C PRO A 174 -23.81 -0.28 14.54
N PRO A 175 -23.70 0.90 15.18
CA PRO A 175 -24.52 2.06 14.80
C PRO A 175 -24.48 2.34 13.30
N LEU A 176 -25.61 2.75 12.73
CA LEU A 176 -25.79 3.00 11.28
C LEU A 176 -25.70 4.51 10.99
N ASN A 177 -24.54 5.13 11.22
CA ASN A 177 -24.20 6.52 10.84
C ASN A 177 -22.82 6.56 10.17
N ARG A 178 -22.44 7.72 9.60
CA ARG A 178 -21.26 7.87 8.70
C ARG A 178 -19.98 7.45 9.42
N ASN A 179 -19.94 7.60 10.75
CA ASN A 179 -18.80 7.19 11.62
C ASN A 179 -18.45 5.71 11.38
N TYR A 180 -19.42 4.89 10.97
CA TYR A 180 -19.21 3.45 10.68
C TYR A 180 -19.29 3.25 9.15
N VAL A 181 -18.11 3.05 8.55
CA VAL A 181 -17.92 2.77 7.09
C VAL A 181 -17.66 1.27 6.93
N PHE A 182 -18.54 0.61 6.18
CA PHE A 182 -18.51 -0.86 5.94
C PHE A 182 -17.62 -1.13 4.73
N THR A 183 -17.49 -2.39 4.36
CA THR A 183 -16.90 -2.86 3.09
C THR A 183 -17.76 -4.03 2.59
N GLY A 184 -18.24 -3.94 1.36
CA GLY A 184 -19.01 -5.01 0.73
C GLY A 184 -18.10 -6.14 0.31
N TYR A 185 -18.68 -7.23 -0.18
CA TYR A 185 -17.95 -8.47 -0.51
C TYR A 185 -18.93 -9.38 -1.26
N ARG A 186 -18.55 -9.90 -2.44
CA ARG A 186 -19.35 -10.89 -3.22
C ARG A 186 -18.82 -12.31 -2.93
N VAL A 187 -19.72 -13.30 -2.93
CA VAL A 187 -19.45 -14.70 -2.45
C VAL A 187 -18.88 -15.49 -3.62
N THR A 188 -17.58 -15.83 -3.58
CA THR A 188 -16.82 -16.36 -4.76
C THR A 188 -16.72 -17.88 -4.73
N LYS A 189 -16.06 -18.46 -5.74
CA LYS A 189 -15.73 -19.90 -5.83
C LYS A 189 -15.33 -20.38 -4.43
N ASN A 190 -14.22 -19.87 -3.89
CA ASN A 190 -13.55 -20.40 -2.68
C ASN A 190 -12.98 -19.28 -1.79
N SER A 191 -13.38 -18.01 -2.00
CA SER A 191 -13.07 -16.87 -1.09
C SER A 191 -14.04 -15.70 -1.35
N LYS A 192 -13.60 -14.46 -1.08
CA LYS A 192 -14.40 -13.21 -1.14
C LYS A 192 -13.57 -12.12 -1.83
N VAL A 193 -14.18 -11.23 -2.61
CA VAL A 193 -13.45 -10.05 -3.19
C VAL A 193 -14.21 -8.77 -2.80
N GLN A 194 -13.44 -7.70 -2.48
CA GLN A 194 -13.96 -6.37 -2.09
C GLN A 194 -14.82 -5.83 -3.23
N ILE A 195 -15.74 -4.92 -2.91
CA ILE A 195 -16.77 -4.37 -3.85
C ILE A 195 -17.12 -2.94 -3.41
N GLY A 196 -16.11 -2.20 -2.92
CA GLY A 196 -16.23 -0.79 -2.49
C GLY A 196 -16.54 -0.68 -1.01
N GLU A 197 -16.21 0.47 -0.40
CA GLU A 197 -16.62 0.83 0.99
C GLU A 197 -18.06 1.38 0.94
N TYR A 198 -18.81 1.27 2.04
CA TYR A 198 -20.25 1.63 2.13
C TYR A 198 -20.54 2.26 3.48
N THR A 199 -21.64 3.03 3.55
CA THR A 199 -22.26 3.53 4.79
C THR A 199 -23.75 3.28 4.70
N PHE A 200 -24.45 3.29 5.84
CA PHE A 200 -25.87 2.88 5.96
C PHE A 200 -26.59 3.82 6.93
N GLU A 201 -27.91 3.89 6.76
CA GLU A 201 -28.85 4.71 7.59
C GLU A 201 -30.22 3.97 7.62
N LYS A 202 -30.89 3.96 8.78
CA LYS A 202 -32.23 3.35 8.99
C LYS A 202 -33.13 3.70 7.79
N GLY A 203 -34.11 2.86 7.47
CA GLY A 203 -35.11 3.08 6.39
C GLY A 203 -36.42 3.61 6.94
N ALA A 208 -35.36 -2.60 6.71
CA ALA A 208 -34.69 -1.96 5.55
C ALA A 208 -33.54 -1.06 6.02
N VAL A 209 -32.71 -0.58 5.09
CA VAL A 209 -31.60 0.38 5.35
C VAL A 209 -31.31 1.18 4.06
N VAL A 210 -31.02 2.48 4.21
CA VAL A 210 -30.50 3.35 3.11
C VAL A 210 -28.98 3.20 3.13
N TYR A 211 -28.38 2.89 1.97
CA TYR A 211 -26.91 2.72 1.81
C TYR A 211 -26.38 3.75 0.81
N ARG A 212 -25.25 4.40 1.13
CA ARG A 212 -24.50 5.33 0.23
C ARG A 212 -23.09 4.77 -0.01
N GLY A 213 -22.86 4.09 -1.13
CA GLY A 213 -21.64 3.29 -1.39
C GLY A 213 -20.56 4.04 -2.14
N THR A 214 -19.28 3.63 -1.96
CA THR A 214 -18.02 4.22 -2.52
C THR A 214 -17.97 4.06 -4.04
N THR A 215 -18.71 3.10 -4.61
CA THR A 215 -18.96 2.98 -6.07
C THR A 215 -20.42 2.59 -6.29
N THR A 216 -20.87 2.49 -7.55
CA THR A 216 -22.21 1.95 -7.94
C THR A 216 -22.04 0.49 -8.38
N TYR A 217 -23.07 -0.33 -8.14
CA TYR A 217 -23.14 -1.78 -8.48
C TYR A 217 -24.61 -2.19 -8.62
N LYS A 218 -24.82 -3.43 -9.10
CA LYS A 218 -26.12 -4.15 -9.01
C LYS A 218 -25.97 -5.21 -7.90
N LEU A 219 -25.54 -4.79 -6.71
CA LEU A 219 -25.24 -5.71 -5.58
C LEU A 219 -26.48 -6.56 -5.31
N ASN A 220 -26.28 -7.88 -5.16
CA ASN A 220 -27.38 -8.88 -5.05
C ASN A 220 -27.29 -9.58 -3.69
N VAL A 221 -28.41 -10.18 -3.26
CA VAL A 221 -28.55 -11.07 -2.07
C VAL A 221 -27.26 -11.87 -1.83
N GLY A 222 -26.85 -12.02 -0.56
CA GLY A 222 -25.68 -12.83 -0.15
C GLY A 222 -24.40 -12.01 -0.13
N ASP A 223 -24.39 -10.82 -0.73
CA ASP A 223 -23.33 -9.80 -0.52
C ASP A 223 -23.43 -9.35 0.93
N TYR A 224 -22.28 -9.19 1.60
CA TYR A 224 -22.23 -8.97 3.08
C TYR A 224 -21.21 -7.87 3.33
N PHE A 225 -21.32 -7.24 4.49
CA PHE A 225 -20.58 -6.01 4.82
C PHE A 225 -19.96 -6.09 6.20
N VAL A 226 -18.69 -5.74 6.28
CA VAL A 226 -17.94 -5.65 7.55
C VAL A 226 -17.18 -4.34 7.52
N LEU A 227 -17.09 -3.70 8.68
CA LEU A 227 -16.16 -2.59 8.96
C LEU A 227 -14.75 -3.14 8.74
N THR A 228 -14.10 -2.83 7.62
CA THR A 228 -12.68 -3.25 7.37
C THR A 228 -11.83 -2.57 8.45
N SER A 229 -11.13 -3.37 9.25
CA SER A 229 -10.09 -2.94 10.23
C SER A 229 -8.73 -3.09 9.57
N HIS A 230 -7.71 -2.37 10.03
CA HIS A 230 -6.35 -2.50 9.47
C HIS A 230 -5.33 -2.79 10.58
N THR A 231 -4.17 -3.32 10.19
CA THR A 231 -2.96 -3.48 11.04
C THR A 231 -2.59 -2.10 11.58
N VAL A 232 -2.39 -1.97 12.89
CA VAL A 232 -1.81 -0.78 13.55
C VAL A 232 -0.30 -1.04 13.69
N MET A 233 0.55 -0.21 13.09
CA MET A 233 2.02 -0.38 13.22
C MET A 233 2.46 0.13 14.58
N PRO A 234 3.65 -0.28 15.08
CA PRO A 234 4.21 0.30 16.28
C PRO A 234 4.71 1.70 15.94
N LEU A 235 4.72 2.59 16.92
CA LEU A 235 5.09 4.01 16.76
C LEU A 235 6.53 4.17 17.25
N SER A 236 7.28 5.06 16.59
CA SER A 236 8.71 5.35 16.91
C SER A 236 8.85 6.82 17.27
N ALA A 237 8.50 7.72 16.35
CA ALA A 237 8.67 9.19 16.46
C ALA A 237 7.74 9.78 17.52
N PRO A 238 8.15 10.87 18.23
CA PRO A 238 7.28 11.52 19.21
C PRO A 238 6.10 12.22 18.55
N THR A 239 5.14 12.73 19.31
CA THR A 239 3.96 13.41 18.73
C THR A 239 4.32 14.83 18.28
N LEU A 240 5.23 15.48 19.02
CA LEU A 240 5.95 16.72 18.63
C LEU A 240 7.44 16.49 18.72
N VAL A 241 8.17 17.04 17.76
CA VAL A 241 9.66 17.07 17.79
C VAL A 241 10.02 18.04 18.89
N PRO A 242 11.28 18.03 19.40
CA PRO A 242 11.70 19.03 20.37
C PRO A 242 11.61 20.42 19.73
N GLN A 243 10.95 21.35 20.40
CA GLN A 243 10.79 22.73 19.91
C GLN A 243 12.16 23.42 19.87
N GLU A 244 12.36 24.24 18.84
CA GLU A 244 13.51 25.15 18.73
C GLU A 244 12.98 26.52 18.33
N HIS A 245 13.49 27.57 18.98
CA HIS A 245 13.26 28.99 18.59
C HIS A 245 14.55 29.51 17.98
N TYR A 246 14.41 30.27 16.89
CA TYR A 246 15.56 30.82 16.13
C TYR A 246 15.48 32.32 16.24
N VAL A 247 16.55 32.96 15.79
CA VAL A 247 16.75 34.42 15.98
C VAL A 247 16.68 35.08 14.60
N ARG A 248 16.82 34.27 13.55
CA ARG A 248 16.57 34.60 12.12
C ARG A 248 15.65 33.53 11.55
N ILE A 249 14.82 33.88 10.56
CA ILE A 249 14.21 32.85 9.66
C ILE A 249 15.35 31.93 9.21
N THR A 250 15.10 30.60 9.20
CA THR A 250 16.08 29.50 9.02
C THR A 250 15.63 28.61 7.86
N GLY A 251 16.48 28.45 6.85
CA GLY A 251 16.30 27.44 5.79
C GLY A 251 15.27 27.84 4.75
N LEU A 252 14.73 29.05 4.87
CA LEU A 252 13.64 29.57 4.00
C LEU A 252 14.01 30.98 3.52
N TYR A 253 13.69 31.31 2.27
CA TYR A 253 14.04 32.61 1.64
C TYR A 253 12.74 33.34 1.27
N PRO A 254 12.33 34.36 2.07
CA PRO A 254 11.12 35.10 1.80
C PRO A 254 11.13 35.76 0.42
N THR A 255 9.95 35.84 -0.19
CA THR A 255 9.72 36.58 -1.45
C THR A 255 10.02 38.06 -1.21
N LEU A 256 10.39 38.79 -2.27
CA LEU A 256 10.53 40.27 -2.19
C LEU A 256 9.18 40.92 -2.50
N ASN A 257 8.41 40.33 -3.42
CA ASN A 257 7.09 40.84 -3.86
C ASN A 257 6.05 39.79 -3.50
N ILE A 258 5.08 40.14 -2.67
CA ILE A 258 3.92 39.29 -2.30
C ILE A 258 2.63 40.01 -2.70
N SER A 259 1.54 39.31 -2.96
CA SER A 259 0.24 39.92 -3.33
C SER A 259 -0.46 40.42 -2.05
N ASP A 260 -1.30 41.45 -2.15
CA ASP A 260 -2.01 42.06 -0.98
C ASP A 260 -3.07 41.10 -0.42
N GLU A 261 -3.29 39.98 -1.13
CA GLU A 261 -4.15 38.83 -0.72
C GLU A 261 -3.56 38.07 0.48
N PHE A 262 -2.22 37.97 0.57
CA PHE A 262 -1.49 37.21 1.62
C PHE A 262 -0.72 38.11 2.58
N SER A 263 -0.76 39.42 2.40
CA SER A 263 -0.04 40.46 3.19
C SER A 263 -0.43 40.38 4.68
N SER A 264 -1.66 40.02 5.02
CA SER A 264 -2.09 39.89 6.43
C SER A 264 -1.33 38.76 7.13
N ASN A 265 -0.72 37.83 6.40
CA ASN A 265 -0.04 36.66 7.04
C ASN A 265 1.48 36.77 6.98
N VAL A 266 2.03 37.91 6.57
CA VAL A 266 3.52 38.02 6.40
C VAL A 266 4.20 37.92 7.77
N ALA A 267 3.79 38.72 8.77
CA ALA A 267 4.23 38.53 10.17
C ALA A 267 4.18 37.04 10.52
N ASN A 268 3.04 36.36 10.28
CA ASN A 268 2.84 34.97 10.80
C ASN A 268 3.77 33.98 10.10
N TYR A 269 3.88 34.10 8.79
CA TYR A 269 4.78 33.30 7.93
C TYR A 269 6.21 33.46 8.41
N GLN A 270 6.53 34.61 9.02
CA GLN A 270 7.90 34.89 9.47
C GLN A 270 8.13 34.06 10.73
N LYS A 271 7.20 34.14 11.68
CA LYS A 271 7.18 33.27 12.89
C LYS A 271 7.39 31.81 12.48
N VAL A 272 6.65 31.36 11.46
CA VAL A 272 6.81 29.97 10.93
C VAL A 272 8.29 29.70 10.66
N GLY A 273 9.06 30.71 10.30
CA GLY A 273 10.45 30.50 9.84
C GLY A 273 11.46 30.58 10.99
N MET A 274 11.02 31.09 12.13
CA MET A 274 11.86 31.34 13.34
C MET A 274 11.55 30.36 14.49
N GLN A 275 10.77 29.32 14.26
CA GLN A 275 10.66 28.21 15.24
C GLN A 275 10.54 26.91 14.45
N LYS A 276 10.79 25.79 15.13
CA LYS A 276 10.82 24.44 14.51
C LYS A 276 9.38 24.06 14.10
N TYR A 277 8.44 24.30 14.99
CA TYR A 277 7.02 23.98 14.74
C TYR A 277 6.20 25.11 15.35
N SER A 278 5.06 25.38 14.74
CA SER A 278 4.21 26.54 15.08
C SER A 278 2.76 26.08 14.93
N THR A 279 1.92 26.67 15.75
CA THR A 279 0.50 26.33 15.85
C THR A 279 -0.27 27.54 15.31
N LEU A 280 -1.25 27.27 14.46
CA LEU A 280 -2.17 28.31 13.93
C LEU A 280 -3.58 27.87 14.27
N GLN A 281 -4.24 28.59 15.17
CA GLN A 281 -5.68 28.41 15.43
C GLN A 281 -6.45 29.25 14.42
N GLY A 282 -7.09 28.58 13.48
CA GLY A 282 -7.93 29.23 12.46
C GLY A 282 -9.40 28.93 12.71
N PRO A 283 -10.13 29.82 13.44
CA PRO A 283 -11.58 29.72 13.56
C PRO A 283 -12.30 29.60 12.22
N PRO A 284 -13.63 29.38 12.25
CA PRO A 284 -14.36 29.17 11.01
C PRO A 284 -14.23 30.36 10.05
N GLY A 285 -13.91 30.09 8.77
CA GLY A 285 -13.93 31.09 7.69
C GLY A 285 -12.95 32.23 7.94
N THR A 286 -11.82 31.94 8.59
CA THR A 286 -10.80 32.95 8.94
C THR A 286 -9.59 32.81 8.00
N GLY A 287 -9.51 31.76 7.18
CA GLY A 287 -8.50 31.68 6.11
C GLY A 287 -7.39 30.66 6.35
N LYS A 288 -7.71 29.46 6.82
CA LYS A 288 -6.66 28.48 7.12
C LYS A 288 -5.95 28.08 5.81
N SER A 289 -6.69 27.71 4.77
CA SER A 289 -6.12 27.12 3.53
C SER A 289 -5.47 28.24 2.72
N HIS A 290 -6.03 29.43 2.81
CA HIS A 290 -5.43 30.67 2.24
C HIS A 290 -4.07 30.88 2.90
N PHE A 291 -4.01 30.81 4.25
CA PHE A 291 -2.75 30.82 5.02
C PHE A 291 -1.79 29.74 4.52
N ALA A 292 -2.24 28.49 4.40
CA ALA A 292 -1.37 27.36 4.06
C ALA A 292 -0.77 27.50 2.66
N ILE A 293 -1.56 27.85 1.62
CA ILE A 293 -1.04 28.08 0.23
C ILE A 293 -0.18 29.34 0.25
N GLY A 294 -0.62 30.36 0.99
CA GLY A 294 0.10 31.64 1.08
C GLY A 294 1.57 31.45 1.47
N LEU A 295 1.81 30.51 2.38
CA LEU A 295 3.15 30.14 2.86
C LEU A 295 4.08 29.76 1.68
N ALA A 296 3.55 29.14 0.62
CA ALA A 296 4.35 28.69 -0.56
C ALA A 296 4.85 29.91 -1.33
N LEU A 297 3.95 30.87 -1.49
CA LEU A 297 4.16 32.14 -2.23
C LEU A 297 5.13 33.03 -1.44
N TYR A 298 4.99 33.03 -0.12
CA TYR A 298 5.92 33.76 0.76
C TYR A 298 7.29 33.09 0.75
N TYR A 299 7.40 31.76 0.66
CA TYR A 299 8.70 31.03 0.62
C TYR A 299 8.81 30.25 -0.69
N PRO A 300 8.91 30.96 -1.85
CA PRO A 300 8.69 30.34 -3.17
C PRO A 300 9.51 29.07 -3.43
N SER A 301 10.74 29.00 -2.95
CA SER A 301 11.69 27.89 -3.25
C SER A 301 11.50 26.73 -2.26
N ALA A 302 10.74 26.94 -1.19
CA ALA A 302 10.54 25.96 -0.10
C ALA A 302 9.76 24.76 -0.61
N ARG A 303 10.29 23.55 -0.43
CA ARG A 303 9.56 22.29 -0.70
C ARG A 303 8.55 22.13 0.45
N ILE A 304 7.26 22.02 0.11
CA ILE A 304 6.18 21.92 1.15
C ILE A 304 5.38 20.66 0.91
N VAL A 305 5.29 19.84 1.96
CA VAL A 305 4.37 18.68 2.09
C VAL A 305 3.15 19.17 2.88
N TYR A 306 2.00 19.20 2.22
CA TYR A 306 0.67 19.51 2.75
C TYR A 306 0.02 18.17 3.13
N THR A 307 -0.35 18.02 4.40
CA THR A 307 -0.85 16.75 4.93
C THR A 307 -2.05 17.05 5.81
N ALA A 308 -2.94 16.07 5.93
CA ALA A 308 -4.09 16.04 6.85
C ALA A 308 -4.60 14.59 6.99
N CYS A 309 -5.52 14.36 7.92
CA CYS A 309 -6.01 12.99 8.17
C CYS A 309 -6.88 12.63 6.96
N SER A 310 -7.90 13.43 6.69
CA SER A 310 -8.98 13.08 5.73
C SER A 310 -8.54 13.44 4.31
N HIS A 311 -8.82 12.56 3.37
CA HIS A 311 -8.82 12.86 1.92
C HIS A 311 -9.47 14.23 1.64
N ALA A 312 -10.61 14.57 2.27
CA ALA A 312 -11.34 15.82 1.98
C ALA A 312 -10.46 17.01 2.40
N ALA A 313 -9.74 16.92 3.52
CA ALA A 313 -8.95 18.05 4.02
C ALA A 313 -7.77 18.27 3.08
N VAL A 314 -7.20 17.19 2.57
CA VAL A 314 -6.06 17.27 1.62
C VAL A 314 -6.56 17.85 0.30
N ASP A 315 -7.77 17.43 -0.13
CA ASP A 315 -8.33 17.82 -1.45
C ASP A 315 -8.60 19.33 -1.41
N ALA A 316 -9.16 19.82 -0.29
CA ALA A 316 -9.42 21.25 -0.08
C ALA A 316 -8.11 22.06 -0.14
N LEU A 317 -7.03 21.56 0.47
CA LEU A 317 -5.71 22.21 0.30
C LEU A 317 -5.32 22.20 -1.21
N CYS A 318 -5.58 21.13 -1.97
CA CYS A 318 -5.26 21.03 -3.42
C CYS A 318 -6.10 22.03 -4.22
N GLU A 319 -7.39 22.14 -3.92
CA GLU A 319 -8.30 23.05 -4.65
C GLU A 319 -7.74 24.47 -4.49
N LYS A 320 -7.41 24.88 -3.28
CA LYS A 320 -6.79 26.20 -3.05
C LYS A 320 -5.46 26.26 -3.83
N ALA A 321 -4.66 25.22 -3.82
CA ALA A 321 -3.33 25.27 -4.47
C ALA A 321 -3.53 25.56 -5.95
N LEU A 322 -4.50 24.86 -6.54
CA LEU A 322 -4.84 24.89 -7.98
C LEU A 322 -5.07 26.35 -8.41
N LYS A 323 -5.51 27.19 -7.48
CA LYS A 323 -5.85 28.61 -7.71
C LYS A 323 -4.62 29.54 -7.63
N TYR A 324 -3.45 29.09 -7.12
CA TYR A 324 -2.34 30.02 -6.74
C TYR A 324 -0.93 29.51 -7.11
N LEU A 325 -0.71 28.19 -7.24
CA LEU A 325 0.66 27.62 -7.39
C LEU A 325 0.79 26.99 -8.78
N PRO A 326 2.00 26.92 -9.38
CA PRO A 326 2.18 26.23 -10.65
C PRO A 326 1.72 24.76 -10.52
N ILE A 327 0.80 24.31 -11.38
CA ILE A 327 0.24 22.91 -11.39
C ILE A 327 1.39 21.90 -11.56
N ASP A 328 2.35 22.14 -12.46
CA ASP A 328 3.48 21.24 -12.77
C ASP A 328 4.39 21.06 -11.53
N LYS A 329 4.21 21.85 -10.46
CA LYS A 329 5.07 21.83 -9.24
C LYS A 329 4.36 21.09 -8.09
N CYS A 330 3.13 20.65 -8.33
CA CYS A 330 2.25 19.94 -7.38
C CYS A 330 2.20 18.44 -7.71
N SER A 331 1.98 17.60 -6.71
CA SER A 331 1.60 16.17 -6.85
C SER A 331 0.73 15.74 -5.68
N ARG A 332 -0.40 15.08 -5.99
CA ARG A 332 -1.27 14.35 -5.03
C ARG A 332 -0.76 12.90 -4.89
N ILE A 333 -0.32 12.52 -3.67
CA ILE A 333 0.00 11.11 -3.31
C ILE A 333 -1.31 10.39 -3.01
N ILE A 334 -1.55 9.27 -3.71
CA ILE A 334 -2.71 8.35 -3.54
C ILE A 334 -2.15 6.94 -3.42
N PRO A 335 -2.54 6.17 -2.38
CA PRO A 335 -2.12 4.77 -2.26
C PRO A 335 -2.96 3.93 -3.25
N ALA A 336 -2.35 2.88 -3.82
CA ALA A 336 -3.00 1.88 -4.69
C ALA A 336 -4.17 1.23 -3.93
N VAL A 340 -11.68 5.17 -2.91
CA VAL A 340 -12.32 6.51 -2.70
C VAL A 340 -11.74 7.52 -3.70
N GLU A 341 -12.60 8.29 -4.35
CA GLU A 341 -12.22 9.27 -5.42
C GLU A 341 -11.74 10.56 -4.76
N CYS A 342 -10.47 10.91 -4.99
CA CYS A 342 -9.85 12.15 -4.48
C CYS A 342 -9.35 12.99 -5.67
N PHE A 343 -9.06 14.26 -5.39
CA PHE A 343 -8.46 15.28 -6.29
C PHE A 343 -7.55 14.64 -7.36
N ASP A 344 -7.85 14.84 -8.65
CA ASP A 344 -7.08 14.26 -9.80
C ASP A 344 -6.69 15.33 -10.83
N LYS A 345 -6.08 16.43 -10.40
CA LYS A 345 -5.56 17.46 -11.33
C LYS A 345 -4.04 17.61 -11.23
N PHE A 346 -3.39 16.92 -10.29
CA PHE A 346 -1.91 16.92 -10.17
C PHE A 346 -1.37 15.59 -10.69
N LYS A 347 -0.12 15.54 -11.17
CA LYS A 347 0.52 14.24 -11.46
C LYS A 347 0.49 13.45 -10.14
N VAL A 348 0.07 12.17 -10.21
CA VAL A 348 -0.21 11.33 -9.00
C VAL A 348 1.10 10.68 -8.54
N ASN A 349 1.29 10.60 -7.21
CA ASN A 349 2.41 9.91 -6.51
C ASN A 349 3.77 10.30 -7.11
N SER A 350 4.05 11.60 -7.18
CA SER A 350 5.39 12.16 -7.48
C SER A 350 5.95 12.79 -6.20
N THR A 351 6.62 11.97 -5.40
CA THR A 351 7.22 12.29 -4.08
C THR A 351 8.17 13.48 -4.18
N LEU A 352 8.87 13.65 -5.32
CA LEU A 352 9.99 14.63 -5.44
C LEU A 352 9.49 16.00 -5.92
N GLU A 353 8.23 16.08 -6.35
CA GLU A 353 7.57 17.36 -6.72
C GLU A 353 7.67 18.35 -5.55
N GLN A 354 7.72 19.65 -5.84
CA GLN A 354 8.01 20.71 -4.86
C GLN A 354 6.88 20.81 -3.85
N TYR A 355 5.63 20.60 -4.27
CA TYR A 355 4.43 20.72 -3.40
C TYR A 355 3.74 19.35 -3.34
N VAL A 356 3.81 18.65 -2.20
CA VAL A 356 3.23 17.28 -2.06
C VAL A 356 2.00 17.34 -1.18
N PHE A 357 0.84 16.93 -1.73
CA PHE A 357 -0.46 16.83 -1.02
C PHE A 357 -0.74 15.35 -0.92
N CYS A 358 -1.10 14.89 0.27
CA CYS A 358 -1.06 13.47 0.66
C CYS A 358 -1.57 13.37 2.10
N THR A 359 -2.46 12.41 2.37
CA THR A 359 -3.03 12.13 3.71
C THR A 359 -1.91 11.55 4.59
N VAL A 360 -2.09 11.62 5.91
CA VAL A 360 -1.09 11.08 6.89
C VAL A 360 -0.70 9.63 6.55
N ASN A 361 -1.69 8.75 6.39
CA ASN A 361 -1.43 7.29 6.43
C ASN A 361 -0.87 6.85 5.08
N ALA A 362 -0.82 7.72 4.08
CA ALA A 362 -0.25 7.45 2.74
C ALA A 362 1.11 8.15 2.56
N LEU A 363 1.61 8.85 3.58
CA LEU A 363 2.82 9.70 3.44
C LEU A 363 3.99 8.82 3.03
N PRO A 364 4.84 9.25 2.07
CA PRO A 364 6.14 8.63 1.88
C PRO A 364 7.17 9.03 2.95
N GLU A 365 8.28 8.32 3.00
CA GLU A 365 9.44 8.71 3.81
C GLU A 365 10.22 9.70 2.95
N THR A 366 10.29 10.96 3.38
CA THR A 366 10.91 12.08 2.63
C THR A 366 11.20 13.23 3.59
N THR A 367 12.00 14.20 3.13
CA THR A 367 12.28 15.48 3.83
C THR A 367 11.51 16.61 3.15
N ALA A 368 11.44 17.77 3.78
CA ALA A 368 10.77 18.97 3.23
C ALA A 368 11.22 20.20 4.03
N ASP A 369 11.07 21.37 3.43
CA ASP A 369 11.40 22.67 4.05
C ASP A 369 10.26 22.99 5.02
N ILE A 370 9.01 22.86 4.59
CA ILE A 370 7.86 23.00 5.53
C ILE A 370 6.95 21.77 5.42
N VAL A 371 6.43 21.33 6.56
CA VAL A 371 5.25 20.43 6.64
C VAL A 371 4.09 21.21 7.26
N VAL A 372 2.96 21.26 6.53
CA VAL A 372 1.68 21.88 6.97
C VAL A 372 0.78 20.69 7.18
N PHE A 373 0.34 20.52 8.42
CA PHE A 373 -0.61 19.50 8.89
C PHE A 373 -1.88 20.29 9.14
N ASP A 374 -2.89 20.11 8.30
CA ASP A 374 -4.15 20.87 8.39
C ASP A 374 -5.18 20.06 9.19
N GLU A 375 -6.25 20.75 9.57
CA GLU A 375 -7.37 20.21 10.37
C GLU A 375 -6.74 19.37 11.49
N ILE A 376 -6.02 20.04 12.38
CA ILE A 376 -5.22 19.42 13.47
C ILE A 376 -6.12 18.90 14.61
N SER A 377 -7.30 19.47 14.85
CA SER A 377 -8.26 19.00 15.89
C SER A 377 -8.72 17.54 15.65
N MET A 378 -8.73 17.08 14.39
CA MET A 378 -9.16 15.71 13.97
C MET A 378 -7.98 14.73 14.05
N ALA A 379 -6.78 15.21 14.36
CA ALA A 379 -5.60 14.34 14.50
C ALA A 379 -5.65 13.65 15.85
N THR A 380 -5.14 12.42 15.86
CA THR A 380 -4.83 11.65 17.09
C THR A 380 -3.31 11.71 17.24
N ASN A 381 -2.81 11.38 18.44
CA ASN A 381 -1.36 11.26 18.71
C ASN A 381 -0.80 10.20 17.78
N TYR A 382 -1.60 9.22 17.40
CA TYR A 382 -1.13 8.19 16.47
C TYR A 382 -0.70 8.93 15.19
N ASP A 383 -1.58 9.76 14.63
CA ASP A 383 -1.29 10.52 13.38
C ASP A 383 -0.11 11.46 13.56
N LEU A 384 -0.07 12.16 14.70
CA LEU A 384 1.03 13.11 14.99
C LEU A 384 2.37 12.36 14.86
N SER A 385 2.44 11.15 15.41
CA SER A 385 3.70 10.38 15.46
C SER A 385 4.07 9.95 14.05
N VAL A 386 3.09 9.44 13.30
CA VAL A 386 3.29 8.96 11.90
C VAL A 386 3.97 10.08 11.10
N VAL A 387 3.47 11.31 11.24
CA VAL A 387 3.95 12.45 10.40
C VAL A 387 5.42 12.63 10.73
N ASN A 388 5.73 12.64 12.03
CA ASN A 388 7.10 12.92 12.54
C ASN A 388 8.02 11.78 12.09
N ALA A 389 7.48 10.55 11.99
CA ALA A 389 8.22 9.36 11.55
C ALA A 389 8.47 9.39 10.03
N ARG A 390 7.52 9.85 9.22
CA ARG A 390 7.64 9.77 7.73
C ARG A 390 8.39 11.01 7.19
N LEU A 391 8.24 12.18 7.84
CA LEU A 391 8.65 13.53 7.30
C LEU A 391 9.67 14.21 8.23
N ARG A 392 10.92 14.33 7.80
CA ARG A 392 11.91 15.16 8.52
C ARG A 392 11.92 16.54 7.84
N ALA A 393 11.46 17.57 8.54
CA ALA A 393 11.26 18.94 8.00
C ALA A 393 12.08 19.98 8.78
N LYS A 394 12.51 21.06 8.12
CA LYS A 394 13.09 22.24 8.81
C LYS A 394 12.02 22.90 9.66
N HIS A 395 10.75 22.86 9.24
CA HIS A 395 9.65 23.54 9.95
C HIS A 395 8.38 22.74 9.85
N TYR A 396 7.59 22.75 10.92
CA TYR A 396 6.29 22.06 10.98
C TYR A 396 5.29 23.12 11.37
N VAL A 397 4.19 23.19 10.62
CA VAL A 397 3.07 24.11 10.93
C VAL A 397 1.82 23.26 11.07
N TYR A 398 1.15 23.42 12.20
CA TYR A 398 -0.07 22.67 12.58
C TYR A 398 -1.21 23.67 12.54
N ILE A 399 -2.07 23.54 11.54
CA ILE A 399 -3.25 24.43 11.31
C ILE A 399 -4.48 23.64 11.72
N GLY A 400 -5.40 24.31 12.40
CA GLY A 400 -6.63 23.69 12.91
C GLY A 400 -7.32 24.67 13.83
N ASP A 401 -8.23 24.16 14.65
CA ASP A 401 -8.97 24.96 15.66
C ASP A 401 -9.38 23.99 16.77
N PRO A 402 -8.74 24.02 17.95
CA PRO A 402 -9.16 23.16 19.04
C PRO A 402 -10.56 23.46 19.57
N ALA A 403 -11.26 24.41 18.96
CA ALA A 403 -12.67 24.77 19.27
C ALA A 403 -13.59 24.01 18.33
N GLN A 404 -13.03 23.37 17.30
CA GLN A 404 -13.88 22.59 16.38
C GLN A 404 -13.87 21.13 16.86
N LEU A 405 -14.23 20.20 15.98
CA LEU A 405 -14.57 18.83 16.39
C LEU A 405 -13.32 17.96 16.28
N PRO A 406 -13.13 17.08 17.27
CA PRO A 406 -12.04 16.10 17.21
C PRO A 406 -12.42 14.87 16.40
N ALA A 407 -11.46 13.98 16.13
CA ALA A 407 -11.70 12.61 15.66
C ALA A 407 -12.69 11.93 16.61
N PRO A 408 -13.72 11.21 16.10
CA PRO A 408 -14.59 10.43 16.97
C PRO A 408 -13.78 9.34 17.69
N ARG A 409 -14.05 9.18 18.97
CA ARG A 409 -13.50 8.14 19.85
C ARG A 409 -14.58 7.07 20.04
N THR A 410 -14.67 6.17 19.05
CA THR A 410 -15.73 5.14 18.91
C THR A 410 -15.98 4.47 20.25
N LEU A 411 -14.96 4.34 21.11
CA LEU A 411 -14.99 3.55 22.36
C LEU A 411 -15.48 4.37 23.55
N LEU A 412 -15.52 5.70 23.46
CA LEU A 412 -15.63 6.56 24.65
C LEU A 412 -17.12 6.80 24.93
N THR A 413 -17.55 6.62 26.19
CA THR A 413 -18.98 6.73 26.61
C THR A 413 -19.09 7.39 28.00
N LYS A 414 -18.07 7.29 28.85
CA LYS A 414 -18.03 7.97 30.17
C LYS A 414 -17.12 9.21 30.04
N GLY A 415 -17.52 10.32 30.67
CA GLY A 415 -16.79 11.62 30.61
C GLY A 415 -16.99 12.30 29.28
N THR A 416 -16.61 13.57 29.17
CA THR A 416 -16.42 14.31 27.90
C THR A 416 -14.93 14.55 27.71
N LEU A 417 -14.48 14.62 26.45
CA LEU A 417 -13.07 14.84 26.08
C LEU A 417 -12.86 16.33 25.81
N GLU A 418 -12.22 17.05 26.75
CA GLU A 418 -11.91 18.50 26.62
C GLU A 418 -10.86 18.71 25.54
N PRO A 419 -10.85 19.85 24.81
CA PRO A 419 -9.96 20.01 23.65
C PRO A 419 -8.45 19.95 23.98
N GLU A 420 -8.06 20.27 25.21
CA GLU A 420 -6.64 20.10 25.62
C GLU A 420 -6.26 18.61 25.62
N TYR A 421 -7.19 17.68 25.33
CA TYR A 421 -6.87 16.24 25.31
C TYR A 421 -7.05 15.60 23.93
N PHE A 422 -7.46 16.35 22.90
CA PHE A 422 -7.66 15.82 21.52
C PHE A 422 -6.34 15.29 21.01
N ASN A 423 -5.23 16.00 21.22
CA ASN A 423 -3.89 15.50 20.86
C ASN A 423 -2.84 16.46 21.45
N SER A 424 -1.55 16.11 21.39
CA SER A 424 -0.41 16.99 21.81
C SER A 424 -0.58 18.40 21.24
N VAL A 425 -0.81 18.54 19.92
CA VAL A 425 -0.83 19.89 19.30
C VAL A 425 -1.94 20.69 19.98
N CYS A 426 -3.15 20.14 20.11
CA CYS A 426 -4.29 20.87 20.72
C CYS A 426 -3.95 21.15 22.17
N ARG A 427 -3.30 20.20 22.85
CA ARG A 427 -2.92 20.36 24.28
C ARG A 427 -2.13 21.66 24.41
N LEU A 428 -1.07 21.84 23.63
CA LEU A 428 -0.32 23.11 23.57
C LEU A 428 -1.28 24.31 23.38
N MET A 429 -2.16 24.31 22.39
CA MET A 429 -2.94 25.53 22.03
C MET A 429 -3.83 25.94 23.22
N LYS A 430 -4.28 24.99 24.02
CA LYS A 430 -5.22 25.29 25.13
C LYS A 430 -4.45 25.63 26.42
N THR A 431 -3.18 25.20 26.54
CA THR A 431 -2.36 25.36 27.77
C THR A 431 -1.45 26.60 27.64
N ILE A 432 -0.51 26.66 26.70
CA ILE A 432 0.34 27.87 26.45
C ILE A 432 -0.33 28.80 25.46
N GLY A 433 -1.31 28.34 24.68
CA GLY A 433 -1.93 29.15 23.60
C GLY A 433 -1.27 28.90 22.24
N PRO A 434 -1.93 29.28 21.12
CA PRO A 434 -1.37 29.02 19.79
C PRO A 434 -0.31 30.04 19.36
N ASP A 435 0.71 29.62 18.60
CA ASP A 435 1.70 30.59 18.11
C ASP A 435 0.95 31.71 17.35
N MET A 436 -0.12 31.37 16.66
CA MET A 436 -0.75 32.34 15.73
C MET A 436 -2.23 32.11 15.66
N PHE A 437 -2.96 33.19 15.42
CA PHE A 437 -4.44 33.26 15.48
C PHE A 437 -4.95 34.10 14.30
N LEU A 438 -5.75 33.47 13.42
CA LEU A 438 -6.60 34.17 12.41
C LEU A 438 -7.85 34.74 13.12
N GLY A 439 -7.90 36.07 13.32
CA GLY A 439 -8.78 36.71 14.32
C GLY A 439 -10.02 37.32 13.69
N THR A 440 -10.18 37.18 12.37
CA THR A 440 -11.30 37.78 11.63
C THR A 440 -12.02 36.72 10.80
N CYS A 441 -13.26 36.47 11.17
CA CYS A 441 -14.16 35.54 10.47
C CYS A 441 -14.81 36.29 9.31
N ARG A 442 -14.60 35.84 8.07
CA ARG A 442 -15.12 36.44 6.83
C ARG A 442 -16.50 35.86 6.50
N ARG A 443 -16.80 34.64 6.95
CA ARG A 443 -17.97 33.86 6.47
C ARG A 443 -19.27 34.38 7.09
N CYS A 444 -19.32 34.55 8.41
CA CYS A 444 -20.58 34.48 9.19
C CYS A 444 -21.09 35.85 9.59
N PRO A 445 -22.43 36.00 9.68
CA PRO A 445 -23.01 37.21 10.25
C PRO A 445 -22.43 37.55 11.64
N ALA A 446 -22.38 38.84 11.95
CA ALA A 446 -21.81 39.36 13.20
C ALA A 446 -22.43 38.62 14.38
N GLU A 447 -23.73 38.35 14.35
CA GLU A 447 -24.44 37.76 15.53
C GLU A 447 -23.83 36.40 15.86
N ILE A 448 -23.40 35.63 14.87
CA ILE A 448 -22.82 34.27 15.05
C ILE A 448 -21.36 34.41 15.46
N VAL A 449 -20.68 35.43 14.94
CA VAL A 449 -19.24 35.64 15.25
C VAL A 449 -19.17 36.07 16.72
N ASP A 450 -20.07 36.96 17.15
CA ASP A 450 -20.08 37.53 18.51
C ASP A 450 -20.40 36.41 19.50
N THR A 451 -21.17 35.41 19.07
CA THR A 451 -21.66 34.34 19.98
C THR A 451 -20.51 33.39 20.21
N VAL A 452 -19.80 32.97 19.16
CA VAL A 452 -18.78 31.90 19.31
C VAL A 452 -17.50 32.53 19.88
N SER A 453 -17.25 33.78 19.54
CA SER A 453 -16.14 34.57 20.13
C SER A 453 -16.21 34.44 21.66
N ALA A 454 -17.35 34.79 22.25
CA ALA A 454 -17.64 34.59 23.70
C ALA A 454 -17.58 33.11 24.03
N LEU A 455 -18.25 32.27 23.26
CA LEU A 455 -18.47 30.84 23.66
C LEU A 455 -17.13 30.11 23.83
N VAL A 456 -16.20 30.25 22.88
CA VAL A 456 -15.01 29.34 22.82
C VAL A 456 -13.71 30.04 22.41
N TYR A 457 -13.70 31.37 22.20
CA TYR A 457 -12.54 32.08 21.59
C TYR A 457 -12.05 33.24 22.47
N ASP A 458 -12.54 33.39 23.71
CA ASP A 458 -12.09 34.43 24.68
C ASP A 458 -12.21 35.83 24.08
N ASN A 459 -13.32 36.09 23.37
CA ASN A 459 -13.70 37.42 22.81
C ASN A 459 -12.58 37.97 21.92
N LYS A 460 -11.86 37.09 21.22
CA LYS A 460 -10.78 37.47 20.28
C LYS A 460 -11.20 37.25 18.83
N LEU A 461 -12.36 36.67 18.55
CA LEU A 461 -12.77 36.49 17.15
C LEU A 461 -13.59 37.71 16.71
N LYS A 462 -13.19 38.37 15.60
CA LYS A 462 -13.80 39.62 15.10
C LYS A 462 -14.64 39.32 13.85
N ALA A 463 -15.80 39.96 13.72
CA ALA A 463 -16.69 39.83 12.54
C ALA A 463 -16.19 40.73 11.41
N HIS A 464 -15.95 40.20 10.23
CA HIS A 464 -15.80 40.97 8.96
C HIS A 464 -17.18 41.49 8.53
N LYS A 465 -18.13 40.61 8.23
CA LYS A 465 -19.52 40.99 7.87
C LYS A 465 -20.18 41.72 9.04
N ASP A 466 -21.24 42.48 8.77
CA ASP A 466 -22.14 43.09 9.79
C ASP A 466 -23.19 42.06 10.25
N LYS A 467 -24.02 42.45 11.23
CA LYS A 467 -25.28 41.77 11.55
C LYS A 467 -26.07 41.56 10.25
N SER A 468 -26.68 40.37 10.10
CA SER A 468 -27.67 40.04 9.04
C SER A 468 -29.09 40.35 9.54
N ALA A 469 -29.31 40.44 10.82
CA ALA A 469 -30.67 40.43 11.43
C ALA A 469 -31.47 39.21 10.92
N GLN A 470 -30.80 38.13 10.53
CA GLN A 470 -31.46 36.90 10.03
C GLN A 470 -31.04 35.70 10.88
N CYS A 471 -30.69 35.96 12.15
CA CYS A 471 -30.25 34.96 13.14
C CYS A 471 -31.33 34.87 14.22
N PHE A 472 -32.04 33.75 14.28
CA PHE A 472 -33.20 33.51 15.17
C PHE A 472 -32.93 32.31 16.06
N LYS A 473 -33.55 32.31 17.24
CA LYS A 473 -33.40 31.23 18.23
C LYS A 473 -34.74 31.03 18.93
N MET A 474 -35.12 29.75 19.06
N MET A 474 -35.12 29.74 19.07
CA MET A 474 -36.40 29.41 19.73
CA MET A 474 -36.42 29.40 19.71
C MET A 474 -36.19 28.33 20.79
C MET A 474 -36.17 28.34 20.79
N PHE A 475 -36.66 28.56 22.01
CA PHE A 475 -36.53 27.60 23.12
C PHE A 475 -37.77 26.72 23.05
N TYR A 476 -37.57 25.46 22.67
CA TYR A 476 -38.62 24.44 22.40
C TYR A 476 -38.05 23.05 22.65
N LYS A 477 -38.44 22.43 23.77
CA LYS A 477 -37.98 21.07 24.15
C LYS A 477 -38.69 20.03 23.26
N GLY A 478 -39.96 20.29 22.97
CA GLY A 478 -40.74 19.37 22.14
C GLY A 478 -40.80 17.98 22.74
N VAL A 479 -40.42 16.96 21.97
CA VAL A 479 -40.62 15.54 22.36
C VAL A 479 -39.46 14.74 21.78
N ILE A 480 -38.69 14.11 22.64
CA ILE A 480 -37.55 13.25 22.20
C ILE A 480 -38.01 11.80 22.18
N THR A 481 -37.83 11.17 21.04
CA THR A 481 -37.91 9.71 20.82
C THR A 481 -36.49 9.23 20.56
N HIS A 482 -36.23 7.95 20.81
CA HIS A 482 -34.92 7.29 20.64
C HIS A 482 -35.14 6.11 19.72
N ASP A 483 -34.24 5.90 18.76
CA ASP A 483 -34.18 4.60 18.06
C ASP A 483 -32.91 3.92 18.57
N VAL A 484 -32.35 3.01 17.78
CA VAL A 484 -31.33 2.03 18.26
C VAL A 484 -30.06 2.76 18.69
N SER A 485 -29.62 3.81 17.98
CA SER A 485 -28.35 4.55 18.28
C SER A 485 -28.48 6.07 18.01
N SER A 486 -29.70 6.63 17.93
CA SER A 486 -29.90 8.04 17.55
C SER A 486 -31.12 8.64 18.27
N ALA A 487 -31.38 9.94 18.05
CA ALA A 487 -32.51 10.71 18.61
C ALA A 487 -33.31 11.43 17.52
N ILE A 488 -34.57 11.69 17.84
CA ILE A 488 -35.57 12.33 16.96
C ILE A 488 -36.38 13.28 17.83
N ASN A 489 -36.61 14.49 17.32
CA ASN A 489 -37.48 15.52 17.95
C ASN A 489 -38.41 16.05 16.85
N ARG A 490 -39.49 15.29 16.61
CA ARG A 490 -40.55 15.58 15.61
C ARG A 490 -41.15 16.96 15.87
N PRO A 491 -41.54 17.31 17.09
CA PRO A 491 -42.04 18.66 17.31
C PRO A 491 -41.03 19.77 16.89
N GLN A 492 -39.71 19.60 17.10
CA GLN A 492 -38.70 20.62 16.65
C GLN A 492 -38.71 20.73 15.11
N ILE A 493 -38.94 19.63 14.39
CA ILE A 493 -39.08 19.62 12.91
C ILE A 493 -40.42 20.28 12.53
N GLY A 494 -41.51 19.87 13.15
CA GLY A 494 -42.80 20.57 13.04
C GLY A 494 -42.64 22.08 13.15
N VAL A 495 -41.90 22.58 14.13
CA VAL A 495 -41.75 24.05 14.33
C VAL A 495 -41.04 24.63 13.09
N VAL A 496 -40.07 23.90 12.55
CA VAL A 496 -39.32 24.35 11.36
C VAL A 496 -40.27 24.32 10.17
N ARG A 497 -41.08 23.27 10.03
CA ARG A 497 -42.10 23.14 8.95
C ARG A 497 -42.94 24.42 8.99
N GLU A 498 -43.38 24.85 10.15
CA GLU A 498 -44.25 26.05 10.28
C GLU A 498 -43.46 27.32 9.93
N PHE A 499 -42.25 27.47 10.47
CA PHE A 499 -41.39 28.63 10.17
C PHE A 499 -41.21 28.73 8.66
N LEU A 500 -41.01 27.59 8.00
CA LEU A 500 -40.73 27.61 6.53
C LEU A 500 -41.99 28.05 5.79
N THR A 501 -43.21 27.69 6.25
CA THR A 501 -44.46 28.10 5.55
C THR A 501 -44.58 29.63 5.65
N ARG A 502 -44.09 30.19 6.76
CA ARG A 502 -44.19 31.65 6.99
C ARG A 502 -42.92 32.36 6.49
N ASN A 503 -41.88 31.62 6.12
CA ASN A 503 -40.57 32.21 5.70
C ASN A 503 -40.00 31.41 4.54
N PRO A 504 -40.77 31.25 3.45
CA PRO A 504 -40.40 30.34 2.37
C PRO A 504 -39.05 30.59 1.71
N ALA A 505 -38.48 31.78 1.87
CA ALA A 505 -37.11 32.10 1.42
C ALA A 505 -36.12 31.10 2.01
N TRP A 506 -36.41 30.60 3.22
CA TRP A 506 -35.52 29.71 4.01
C TRP A 506 -35.53 28.28 3.46
N ARG A 507 -36.19 28.04 2.32
CA ARG A 507 -36.26 26.73 1.66
C ARG A 507 -34.95 26.46 0.93
N LYS A 508 -34.08 27.46 0.79
CA LYS A 508 -32.71 27.26 0.27
C LYS A 508 -31.76 26.78 1.39
N ALA A 509 -32.25 26.68 2.64
CA ALA A 509 -31.45 26.36 3.84
C ALA A 509 -31.01 24.87 3.85
N VAL A 510 -29.81 24.67 4.38
CA VAL A 510 -29.30 23.35 4.83
C VAL A 510 -29.87 23.06 6.22
N PHE A 511 -30.29 21.82 6.45
CA PHE A 511 -30.81 21.36 7.78
C PHE A 511 -29.68 20.65 8.54
N ILE A 512 -29.34 21.16 9.71
CA ILE A 512 -28.27 20.54 10.55
C ILE A 512 -28.86 20.11 11.89
N SER A 513 -28.47 18.94 12.38
CA SER A 513 -28.76 18.50 13.77
C SER A 513 -27.60 17.64 14.27
N PRO A 514 -27.54 17.37 15.59
CA PRO A 514 -26.52 16.48 16.13
C PRO A 514 -26.80 14.98 15.96
N TYR A 515 -27.90 14.59 15.32
CA TYR A 515 -28.31 13.16 15.14
C TYR A 515 -28.73 12.87 13.71
N ASN A 516 -28.17 11.81 13.14
CA ASN A 516 -28.54 11.36 11.76
C ASN A 516 -30.01 10.89 11.71
N SER A 517 -30.64 10.44 12.80
CA SER A 517 -32.07 10.04 12.70
C SER A 517 -32.95 11.28 12.67
N GLN A 518 -32.66 12.26 13.51
CA GLN A 518 -33.33 13.57 13.39
C GLN A 518 -33.29 14.00 11.91
N ASN A 519 -32.09 13.95 11.34
CA ASN A 519 -31.80 14.38 9.96
C ASN A 519 -32.68 13.59 8.99
N ALA A 520 -32.85 12.28 9.18
CA ALA A 520 -33.59 11.44 8.20
C ALA A 520 -35.06 11.86 8.20
N VAL A 521 -35.62 12.06 9.40
CA VAL A 521 -37.05 12.45 9.56
C VAL A 521 -37.23 13.83 8.91
N ALA A 522 -36.26 14.76 9.10
CA ALA A 522 -36.27 16.14 8.55
C ALA A 522 -36.26 16.15 7.02
N SER A 523 -35.43 15.31 6.39
CA SER A 523 -35.31 15.23 4.92
C SER A 523 -36.68 14.85 4.32
N LYS A 524 -37.33 13.86 4.91
CA LYS A 524 -38.69 13.41 4.51
C LYS A 524 -39.63 14.62 4.62
N ILE A 525 -39.65 15.32 5.75
CA ILE A 525 -40.74 16.27 6.11
C ILE A 525 -40.51 17.68 5.51
N LEU A 526 -39.26 18.10 5.35
CA LEU A 526 -38.87 19.47 4.93
C LEU A 526 -38.29 19.42 3.52
N GLY A 527 -37.70 18.32 3.12
CA GLY A 527 -36.93 18.24 1.87
C GLY A 527 -35.77 19.21 1.83
N LEU A 528 -35.30 19.72 2.96
CA LEU A 528 -34.00 20.44 2.97
C LEU A 528 -32.87 19.42 2.84
N PRO A 529 -31.73 19.79 2.21
CA PRO A 529 -30.51 19.02 2.39
C PRO A 529 -30.16 19.03 3.89
N THR A 530 -29.65 17.90 4.38
CA THR A 530 -29.30 17.64 5.80
C THR A 530 -27.80 17.33 5.93
N GLN A 531 -27.27 17.64 7.12
CA GLN A 531 -25.87 17.39 7.55
C GLN A 531 -25.89 17.13 9.05
N THR A 532 -25.02 16.27 9.52
CA THR A 532 -24.75 16.19 10.97
C THR A 532 -23.74 17.30 11.23
N VAL A 533 -23.71 17.87 12.41
CA VAL A 533 -22.66 18.87 12.70
C VAL A 533 -21.32 18.31 12.21
N ASP A 534 -21.06 17.03 12.48
CA ASP A 534 -19.75 16.37 12.28
C ASP A 534 -19.50 16.30 10.76
N SER A 535 -20.53 16.17 9.94
CA SER A 535 -20.37 16.06 8.47
C SER A 535 -20.41 17.45 7.82
N SER A 536 -20.78 18.48 8.58
CA SER A 536 -20.87 19.89 8.12
C SER A 536 -19.52 20.60 8.31
N GLN A 537 -18.62 20.04 9.12
CA GLN A 537 -17.31 20.67 9.51
C GLN A 537 -16.53 20.94 8.23
N GLY A 538 -16.18 22.21 7.97
CA GLY A 538 -15.40 22.66 6.79
C GLY A 538 -16.25 23.00 5.56
N SER A 539 -17.58 23.04 5.71
CA SER A 539 -18.54 23.45 4.67
C SER A 539 -19.23 24.73 5.10
N GLU A 540 -19.68 25.54 4.14
CA GLU A 540 -20.41 26.80 4.44
C GLU A 540 -21.71 26.80 3.66
N TYR A 541 -22.77 27.37 4.22
CA TYR A 541 -24.06 27.55 3.53
C TYR A 541 -24.66 28.91 3.95
N ASP A 542 -25.47 29.51 3.08
CA ASP A 542 -26.01 30.87 3.27
C ASP A 542 -26.93 30.82 4.50
N TYR A 543 -27.74 29.77 4.55
CA TYR A 543 -28.87 29.59 5.50
C TYR A 543 -28.81 28.17 6.04
N VAL A 544 -28.93 28.10 7.36
CA VAL A 544 -28.74 26.90 8.20
C VAL A 544 -29.96 26.90 9.10
N ILE A 545 -30.71 25.79 9.17
CA ILE A 545 -31.70 25.55 10.26
C ILE A 545 -31.16 24.44 11.17
N PHE A 546 -30.98 24.74 12.45
CA PHE A 546 -30.43 23.78 13.45
C PHE A 546 -31.49 23.45 14.48
N THR A 547 -31.80 22.16 14.60
CA THR A 547 -32.59 21.59 15.73
C THR A 547 -31.62 20.89 16.71
N GLN A 548 -31.50 21.39 17.94
CA GLN A 548 -30.64 20.72 18.96
C GLN A 548 -31.10 19.28 19.19
N THR A 549 -32.40 19.01 19.02
CA THR A 549 -32.99 17.65 19.18
C THR A 549 -33.05 17.25 20.67
N THR A 550 -31.90 17.18 21.38
CA THR A 550 -31.77 16.78 22.81
C THR A 550 -30.96 17.83 23.58
N GLU A 551 -30.92 17.71 24.91
CA GLU A 551 -29.99 18.46 25.81
C GLU A 551 -28.90 17.55 26.37
N THR A 552 -28.49 16.51 25.65
CA THR A 552 -27.43 15.57 26.08
C THR A 552 -26.06 16.25 26.09
N ALA A 553 -25.03 15.59 26.63
CA ALA A 553 -23.64 16.05 26.50
C ALA A 553 -23.29 16.16 25.01
N HIS A 554 -23.69 15.19 24.19
CA HIS A 554 -23.48 15.23 22.71
C HIS A 554 -24.06 16.53 22.13
N SER A 555 -25.30 16.88 22.46
CA SER A 555 -26.02 17.95 21.75
C SER A 555 -25.70 19.33 22.39
N CYS A 556 -24.89 19.38 23.43
CA CYS A 556 -24.53 20.61 24.16
C CYS A 556 -23.02 20.78 24.12
N ASN A 557 -22.30 19.85 23.49
CA ASN A 557 -20.82 19.98 23.38
C ASN A 557 -20.53 21.35 22.75
N VAL A 558 -19.79 22.22 23.44
CA VAL A 558 -19.54 23.61 22.96
C VAL A 558 -18.83 23.53 21.61
N ASN A 559 -17.93 22.58 21.38
CA ASN A 559 -17.25 22.49 20.07
C ASN A 559 -18.21 22.10 18.92
N ARG A 560 -19.21 21.28 19.22
CA ARG A 560 -20.18 20.78 18.21
C ARG A 560 -21.05 21.98 17.82
N PHE A 561 -21.44 22.73 18.83
CA PHE A 561 -22.36 23.86 18.70
C PHE A 561 -21.67 25.01 17.97
N ASN A 562 -20.41 25.29 18.35
CA ASN A 562 -19.47 26.21 17.65
C ASN A 562 -19.47 25.87 16.15
N VAL A 563 -19.29 24.59 15.77
CA VAL A 563 -19.26 24.15 14.33
C VAL A 563 -20.66 24.28 13.71
N ALA A 564 -21.71 24.02 14.47
CA ALA A 564 -23.08 23.98 13.93
C ALA A 564 -23.41 25.36 13.36
N ILE A 565 -23.34 26.38 14.22
CA ILE A 565 -23.83 27.74 13.92
C ILE A 565 -22.90 28.50 12.95
N THR A 566 -21.60 28.17 12.85
CA THR A 566 -20.59 28.89 12.01
C THR A 566 -20.58 28.30 10.58
N ARG A 567 -21.62 27.55 10.22
CA ARG A 567 -21.79 27.00 8.86
C ARG A 567 -22.49 28.05 7.99
N ALA A 568 -23.19 28.98 8.65
CA ALA A 568 -24.06 30.04 8.07
C ALA A 568 -23.23 31.25 7.56
N LYS A 569 -23.41 31.61 6.28
CA LYS A 569 -22.89 32.86 5.66
C LYS A 569 -23.86 34.02 5.93
N VAL A 570 -25.17 33.76 5.97
CA VAL A 570 -26.18 34.85 6.00
C VAL A 570 -27.11 34.71 7.21
N GLY A 571 -27.82 33.59 7.32
CA GLY A 571 -28.88 33.45 8.34
C GLY A 571 -28.92 32.05 8.94
N ILE A 572 -29.41 31.96 10.17
CA ILE A 572 -29.51 30.68 10.93
C ILE A 572 -30.80 30.75 11.75
N LEU A 573 -31.58 29.66 11.76
CA LEU A 573 -32.59 29.38 12.82
C LEU A 573 -32.07 28.23 13.69
N CYS A 574 -31.95 28.46 14.99
CA CYS A 574 -31.60 27.44 15.99
C CYS A 574 -32.85 27.17 16.83
N ILE A 575 -33.47 25.98 16.70
CA ILE A 575 -34.50 25.45 17.62
C ILE A 575 -33.71 24.71 18.71
N MET A 576 -33.70 25.26 19.92
CA MET A 576 -32.79 24.87 21.02
C MET A 576 -33.59 24.12 22.09
N SER A 577 -32.93 23.12 22.67
CA SER A 577 -33.42 22.30 23.79
C SER A 577 -32.79 22.78 25.09
N ASP A 578 -31.53 23.21 25.01
CA ASP A 578 -30.67 23.52 26.17
C ASP A 578 -30.84 25.00 26.50
N ARG A 579 -31.32 25.31 27.71
CA ARG A 579 -31.56 26.70 28.17
C ARG A 579 -30.23 27.46 28.21
N ASP A 580 -29.13 26.79 28.59
CA ASP A 580 -27.78 27.39 28.68
C ASP A 580 -27.40 27.93 27.28
N LEU A 581 -27.19 27.08 26.28
CA LEU A 581 -26.72 27.54 24.95
C LEU A 581 -27.76 28.49 24.31
N TYR A 582 -29.05 28.29 24.54
CA TYR A 582 -30.08 29.24 24.08
C TYR A 582 -29.66 30.65 24.53
N ASP A 583 -29.45 30.81 25.81
CA ASP A 583 -29.21 32.10 26.50
C ASP A 583 -27.89 32.71 25.98
N LYS A 584 -26.97 31.88 25.50
CA LYS A 584 -25.67 32.32 24.92
C LYS A 584 -25.81 32.70 23.44
N LEU A 585 -26.87 32.28 22.75
CA LEU A 585 -27.09 32.70 21.34
C LEU A 585 -27.52 34.18 21.32
N GLN A 586 -26.69 35.02 20.68
CA GLN A 586 -26.91 36.48 20.52
C GLN A 586 -27.76 36.66 19.27
N PHE A 587 -28.96 36.10 19.31
CA PHE A 587 -29.88 35.99 18.17
C PHE A 587 -31.21 36.53 18.66
N THR A 588 -32.04 36.87 17.68
CA THR A 588 -33.43 37.29 17.91
C THR A 588 -34.19 36.08 18.42
N SER A 589 -34.86 36.25 19.54
CA SER A 589 -35.77 35.23 20.11
C SER A 589 -37.06 35.28 19.30
N LEU A 590 -37.61 34.10 19.06
CA LEU A 590 -38.90 33.94 18.37
C LEU A 590 -39.69 33.05 19.33
N GLU A 591 -40.98 33.31 19.49
CA GLU A 591 -41.77 32.54 20.47
C GLU A 591 -42.33 31.28 19.82
N ILE A 592 -42.81 30.33 20.62
CA ILE A 592 -43.39 29.06 20.09
C ILE A 592 -44.66 29.41 19.32
N PRO A 593 -44.83 28.93 18.08
CA PRO A 593 -46.04 29.17 17.32
C PRO A 593 -47.26 28.93 18.22
N ALA B 1 14.80 20.38 -10.32
CA ALA B 1 15.70 20.33 -11.51
C ALA B 1 17.16 20.07 -11.09
N VAL B 2 17.46 19.95 -9.79
CA VAL B 2 18.82 19.66 -9.25
C VAL B 2 18.86 18.21 -8.77
N GLY B 3 19.63 17.35 -9.45
CA GLY B 3 19.76 15.91 -9.18
C GLY B 3 21.17 15.39 -9.41
N ALA B 4 21.36 14.08 -9.30
CA ALA B 4 22.63 13.37 -9.55
C ALA B 4 22.64 12.85 -11.00
N CYS B 5 23.82 12.67 -11.59
CA CYS B 5 24.02 12.24 -13.01
C CYS B 5 24.03 10.71 -13.11
N VAL B 6 22.99 10.11 -13.70
CA VAL B 6 22.72 8.64 -13.65
C VAL B 6 23.93 7.85 -14.19
N LEU B 7 25.00 8.48 -14.68
CA LEU B 7 26.16 7.76 -15.28
C LEU B 7 27.44 7.87 -14.46
N CYS B 8 27.68 9.02 -13.80
CA CYS B 8 28.90 9.30 -12.97
C CYS B 8 28.51 9.84 -11.60
N ASN B 9 27.22 10.07 -11.35
CA ASN B 9 26.65 10.42 -10.02
C ASN B 9 26.69 11.94 -9.82
N SER B 10 27.54 12.66 -10.55
CA SER B 10 27.82 14.12 -10.38
C SER B 10 26.51 14.90 -10.23
N GLN B 11 26.51 15.91 -9.36
CA GLN B 11 25.39 16.88 -9.23
C GLN B 11 25.25 17.59 -10.59
N THR B 12 24.02 17.79 -11.06
CA THR B 12 23.72 18.57 -12.30
C THR B 12 22.33 19.19 -12.19
N SER B 13 22.06 20.19 -13.02
CA SER B 13 20.74 20.81 -13.28
C SER B 13 20.18 20.30 -14.62
N LEU B 14 20.94 19.46 -15.34
CA LEU B 14 20.64 19.05 -16.75
C LEU B 14 20.05 17.65 -16.78
N ARG B 15 18.77 17.53 -17.16
CA ARG B 15 18.11 16.26 -17.56
C ARG B 15 17.95 16.26 -19.08
N CYS B 16 17.93 15.09 -19.73
CA CYS B 16 17.61 14.95 -21.17
C CYS B 16 16.10 14.90 -21.35
N GLY B 17 15.56 15.68 -22.29
CA GLY B 17 14.12 15.81 -22.51
C GLY B 17 13.66 14.85 -23.58
N ALA B 18 14.61 14.06 -24.10
CA ALA B 18 14.40 13.14 -25.24
C ALA B 18 14.25 11.72 -24.69
N CYS B 19 15.12 11.32 -23.74
CA CYS B 19 14.86 10.14 -22.87
C CYS B 19 13.45 10.18 -22.25
N ILE B 20 12.67 9.08 -22.36
CA ILE B 20 11.29 8.97 -21.80
C ILE B 20 11.29 9.16 -20.28
N ARG B 21 12.37 8.80 -19.57
CA ARG B 21 12.45 8.94 -18.09
C ARG B 21 12.85 10.37 -17.67
N ARG B 22 13.62 11.09 -18.50
CA ARG B 22 14.16 12.46 -18.23
C ARG B 22 15.20 12.35 -17.11
N PRO B 23 16.26 11.55 -17.34
CA PRO B 23 17.35 11.44 -16.39
C PRO B 23 18.28 12.67 -16.33
N PHE B 24 18.60 13.10 -15.10
CA PHE B 24 19.76 13.96 -14.74
C PHE B 24 21.02 13.44 -15.47
N LEU B 25 21.69 14.29 -16.25
CA LEU B 25 22.95 13.99 -16.97
C LEU B 25 23.98 15.10 -16.68
N CYS B 26 25.18 14.74 -16.25
CA CYS B 26 26.25 15.73 -15.94
C CYS B 26 26.72 16.33 -17.26
N CYS B 27 27.02 17.64 -17.24
CA CYS B 27 27.62 18.43 -18.35
C CYS B 27 28.50 17.56 -19.26
N LYS B 28 29.56 16.93 -18.74
CA LYS B 28 30.55 16.13 -19.53
C LYS B 28 29.84 14.99 -20.25
N CYS B 29 28.90 14.31 -19.56
CA CYS B 29 28.19 13.10 -20.04
C CYS B 29 26.96 13.53 -20.90
N CYS B 30 26.18 14.53 -20.46
CA CYS B 30 25.02 15.11 -21.21
C CYS B 30 25.41 15.53 -22.62
N TYR B 31 26.65 15.97 -22.81
CA TYR B 31 27.21 16.30 -24.14
C TYR B 31 27.23 15.02 -24.97
N ASP B 32 27.97 14.03 -24.48
CA ASP B 32 28.27 12.74 -25.15
C ASP B 32 26.96 12.01 -25.47
N HIS B 33 25.87 12.26 -24.74
CA HIS B 33 24.48 11.88 -25.13
C HIS B 33 24.10 12.63 -26.42
N VAL B 34 24.01 13.96 -26.32
CA VAL B 34 23.33 14.81 -27.36
C VAL B 34 24.19 14.85 -28.62
N ILE B 35 25.49 14.62 -28.53
CA ILE B 35 26.37 14.68 -29.74
C ILE B 35 26.33 13.36 -30.53
N SER B 36 25.78 12.27 -29.98
CA SER B 36 25.84 10.90 -30.58
C SER B 36 24.45 10.29 -30.82
N THR B 37 23.36 10.96 -30.41
CA THR B 37 21.96 10.46 -30.49
C THR B 37 21.07 11.51 -31.19
N SER B 38 19.87 11.15 -31.62
CA SER B 38 18.81 12.10 -32.06
C SER B 38 18.28 12.88 -30.83
N HIS B 39 18.97 12.77 -29.70
CA HIS B 39 18.54 13.38 -28.40
C HIS B 39 19.19 14.77 -28.27
N LYS B 40 18.42 15.82 -28.53
CA LYS B 40 18.94 17.21 -28.56
C LYS B 40 18.31 18.05 -27.46
N LEU B 41 17.02 17.84 -27.12
CA LEU B 41 16.36 18.58 -26.02
C LEU B 41 17.12 18.31 -24.72
N VAL B 42 17.61 19.38 -24.08
CA VAL B 42 18.10 19.37 -22.67
C VAL B 42 17.10 20.17 -21.83
N LEU B 43 16.97 19.85 -20.55
CA LEU B 43 16.12 20.61 -19.60
C LEU B 43 16.97 20.97 -18.38
N SER B 44 16.60 22.09 -17.72
CA SER B 44 16.88 22.46 -16.31
C SER B 44 15.70 23.32 -15.84
N VAL B 45 15.86 24.11 -14.76
CA VAL B 45 14.81 25.05 -14.25
C VAL B 45 13.94 25.43 -15.45
N ASN B 46 14.60 25.81 -16.55
CA ASN B 46 14.03 26.42 -17.78
C ASN B 46 14.60 25.66 -18.98
N PRO B 47 13.77 25.31 -19.99
CA PRO B 47 14.26 24.57 -21.14
C PRO B 47 15.38 25.33 -21.89
N TYR B 48 16.52 24.68 -22.13
CA TYR B 48 17.46 25.04 -23.22
C TYR B 48 16.71 25.04 -24.54
N VAL B 49 16.16 26.20 -24.88
CA VAL B 49 15.45 26.53 -26.15
C VAL B 49 15.77 28.00 -26.46
N CYS B 50 15.70 28.41 -27.72
CA CYS B 50 15.91 29.81 -28.17
C CYS B 50 14.82 30.67 -27.54
N ASN B 51 15.21 31.69 -26.77
CA ASN B 51 14.25 32.55 -26.01
C ASN B 51 13.67 33.61 -26.96
N ALA B 52 14.19 33.71 -28.19
CA ALA B 52 13.77 34.72 -29.17
C ALA B 52 12.32 34.45 -29.54
N PRO B 53 11.42 35.45 -29.54
CA PRO B 53 10.03 35.23 -29.90
C PRO B 53 9.86 34.50 -31.23
N GLY B 54 9.04 33.44 -31.21
CA GLY B 54 8.58 32.69 -32.39
C GLY B 54 9.54 31.59 -32.81
N CYS B 55 10.75 31.58 -32.24
CA CYS B 55 11.85 30.72 -32.71
C CYS B 55 11.64 29.31 -32.15
N ASP B 56 11.88 28.28 -32.94
CA ASP B 56 11.49 26.90 -32.59
C ASP B 56 12.74 26.01 -32.51
N VAL B 57 13.93 26.62 -32.31
CA VAL B 57 15.20 25.88 -32.13
C VAL B 57 15.27 25.41 -30.68
N THR B 58 15.27 24.09 -30.50
CA THR B 58 15.33 23.39 -29.18
C THR B 58 16.64 22.62 -29.09
N ASP B 59 17.29 22.35 -30.24
CA ASP B 59 18.53 21.53 -30.36
C ASP B 59 19.68 22.27 -29.69
N VAL B 60 20.17 21.73 -28.57
CA VAL B 60 21.23 22.28 -27.67
C VAL B 60 22.53 22.51 -28.48
N THR B 61 22.73 21.77 -29.57
CA THR B 61 23.98 21.82 -30.39
C THR B 61 23.97 23.09 -31.26
N GLN B 62 22.79 23.67 -31.50
CA GLN B 62 22.60 24.94 -32.26
C GLN B 62 22.27 26.10 -31.31
N LEU B 63 22.52 25.97 -30.00
CA LEU B 63 22.08 26.98 -29.00
C LEU B 63 23.30 27.62 -28.33
N TYR B 64 23.05 28.74 -27.65
CA TYR B 64 24.07 29.65 -27.07
C TYR B 64 23.52 30.31 -25.82
N LEU B 65 24.40 30.60 -24.86
CA LEU B 65 24.13 31.44 -23.67
C LEU B 65 24.39 32.90 -24.03
N GLY B 66 23.36 33.75 -23.96
CA GLY B 66 23.44 35.21 -24.12
C GLY B 66 23.02 35.92 -22.85
N GLY B 67 24.00 36.30 -22.02
CA GLY B 67 23.78 36.72 -20.62
C GLY B 67 23.18 35.57 -19.81
N MET B 68 21.96 35.76 -19.28
CA MET B 68 21.25 34.74 -18.46
C MET B 68 20.58 33.70 -19.38
N SER B 69 20.30 34.07 -20.65
CA SER B 69 19.32 33.40 -21.55
C SER B 69 19.99 32.65 -22.71
N TYR B 70 19.21 31.89 -23.48
CA TYR B 70 19.71 30.96 -24.51
C TYR B 70 19.07 31.37 -25.83
N TYR B 71 19.81 31.21 -26.95
CA TYR B 71 19.44 31.69 -28.31
C TYR B 71 20.13 30.83 -29.36
N CYS B 72 19.53 30.68 -30.54
CA CYS B 72 20.16 30.01 -31.71
C CYS B 72 21.22 30.93 -32.35
N LYS B 73 21.83 30.46 -33.45
CA LYS B 73 22.86 31.20 -34.22
C LYS B 73 22.22 32.46 -34.83
N SER B 74 20.91 32.43 -35.12
CA SER B 74 20.08 33.52 -35.73
C SER B 74 19.66 34.61 -34.73
N HIS B 75 19.85 34.43 -33.41
CA HIS B 75 19.23 35.30 -32.37
C HIS B 75 20.21 35.62 -31.24
N LYS B 76 21.37 34.96 -31.19
CA LYS B 76 22.36 35.13 -30.09
C LYS B 76 22.96 36.53 -30.21
N PRO B 77 23.24 37.23 -29.10
CA PRO B 77 23.96 38.49 -29.17
C PRO B 77 25.42 38.27 -29.57
N PRO B 78 26.22 39.33 -29.78
CA PRO B 78 27.66 39.17 -30.06
C PRO B 78 28.41 38.42 -28.95
N ILE B 79 28.25 38.82 -27.69
CA ILE B 79 28.86 38.11 -26.54
C ILE B 79 27.90 36.97 -26.15
N SER B 80 28.17 35.78 -26.71
CA SER B 80 27.46 34.50 -26.44
C SER B 80 28.42 33.32 -26.63
N PHE B 81 28.53 32.48 -25.60
CA PHE B 81 29.11 31.12 -25.56
C PHE B 81 28.15 30.12 -26.18
N PRO B 82 28.61 29.13 -27.00
CA PRO B 82 27.74 28.01 -27.39
C PRO B 82 27.46 27.07 -26.20
N LEU B 83 26.23 26.56 -26.10
CA LEU B 83 25.86 25.69 -24.95
C LEU B 83 26.70 24.41 -25.02
N CYS B 84 27.08 23.97 -26.23
CA CYS B 84 27.89 22.76 -26.46
C CYS B 84 29.33 23.15 -26.82
N ALA B 85 30.20 23.16 -25.81
CA ALA B 85 31.62 23.54 -25.93
C ALA B 85 32.52 22.54 -25.19
N ASN B 86 33.72 22.27 -25.70
CA ASN B 86 34.79 21.49 -25.02
C ASN B 86 34.18 20.26 -24.34
N GLY B 87 33.56 19.38 -25.14
CA GLY B 87 33.01 18.09 -24.70
C GLY B 87 31.91 18.23 -23.64
N GLN B 88 31.41 19.45 -23.39
CA GLN B 88 30.46 19.75 -22.26
C GLN B 88 29.24 20.52 -22.76
N VAL B 89 28.23 20.63 -21.90
CA VAL B 89 26.96 21.39 -22.08
C VAL B 89 26.83 22.31 -20.87
N PHE B 90 26.86 23.62 -21.07
CA PHE B 90 26.73 24.61 -19.98
C PHE B 90 25.56 24.17 -19.08
N GLY B 91 25.84 24.09 -17.77
CA GLY B 91 24.88 23.96 -16.67
C GLY B 91 25.58 24.30 -15.37
N LEU B 92 24.97 23.99 -14.21
CA LEU B 92 25.61 24.25 -12.89
C LEU B 92 26.61 23.12 -12.59
N TYR B 93 27.58 23.39 -11.70
CA TYR B 93 28.50 22.45 -11.03
C TYR B 93 29.62 21.97 -11.97
N LYS B 94 29.70 22.54 -13.20
CA LYS B 94 30.69 22.20 -14.28
C LYS B 94 32.13 22.24 -13.74
N VAL B 103 28.88 5.52 -21.53
CA VAL B 103 27.88 6.46 -22.11
C VAL B 103 27.42 5.93 -23.49
N THR B 104 28.33 5.36 -24.29
CA THR B 104 27.98 4.49 -25.46
C THR B 104 26.78 3.64 -25.05
N ASP B 105 26.92 2.88 -23.95
CA ASP B 105 25.89 1.99 -23.37
C ASP B 105 24.65 2.82 -23.00
N PHE B 106 24.84 3.92 -22.28
CA PHE B 106 23.71 4.83 -21.91
C PHE B 106 22.95 5.22 -23.18
N ASN B 107 23.67 5.55 -24.25
CA ASN B 107 23.07 6.03 -25.53
C ASN B 107 22.23 4.91 -26.16
N ALA B 108 22.81 3.71 -26.28
CA ALA B 108 22.15 2.50 -26.82
C ALA B 108 20.86 2.23 -26.03
N ILE B 109 20.90 2.39 -24.70
CA ILE B 109 19.76 2.11 -23.79
C ILE B 109 18.70 3.20 -23.96
N ALA B 110 19.10 4.47 -23.88
CA ALA B 110 18.21 5.65 -23.97
C ALA B 110 17.38 5.65 -25.26
N THR B 111 17.94 5.12 -26.36
CA THR B 111 17.40 5.19 -27.75
C THR B 111 16.75 3.89 -28.29
N CYS B 112 17.03 2.71 -27.70
CA CYS B 112 16.51 1.39 -28.20
C CYS B 112 14.98 1.30 -28.03
N ASP B 113 14.29 0.59 -28.93
CA ASP B 113 12.83 0.38 -28.83
C ASP B 113 12.51 -0.88 -28.01
N TRP B 114 13.54 -1.67 -27.66
CA TRP B 114 13.49 -2.86 -26.77
C TRP B 114 12.89 -4.09 -27.50
N THR B 115 13.04 -4.14 -28.83
CA THR B 115 12.45 -5.22 -29.66
C THR B 115 13.56 -6.24 -29.96
N ASN B 116 14.79 -5.89 -29.61
CA ASN B 116 16.01 -6.66 -29.95
C ASN B 116 16.52 -7.28 -28.65
N ALA B 117 16.93 -8.55 -28.69
CA ALA B 117 17.59 -9.25 -27.57
C ALA B 117 18.77 -8.41 -27.04
N GLY B 118 19.61 -7.94 -27.97
CA GLY B 118 20.78 -7.06 -27.72
C GLY B 118 20.46 -5.92 -26.76
N ASP B 119 19.24 -5.39 -26.80
CA ASP B 119 18.74 -4.35 -25.87
C ASP B 119 18.72 -4.91 -24.43
N TYR B 120 18.27 -6.16 -24.26
CA TYR B 120 18.20 -6.81 -22.93
C TYR B 120 19.60 -7.25 -22.52
N ILE B 121 20.38 -7.75 -23.47
CA ILE B 121 21.78 -8.13 -23.19
C ILE B 121 22.44 -6.93 -22.51
N LEU B 122 22.51 -5.82 -23.24
CA LEU B 122 23.22 -4.60 -22.81
C LEU B 122 22.61 -4.09 -21.50
N ALA B 123 21.30 -4.24 -21.27
CA ALA B 123 20.64 -3.80 -20.01
C ALA B 123 21.11 -4.65 -18.81
N ASN B 124 21.99 -5.63 -19.05
CA ASN B 124 22.43 -6.61 -18.03
C ASN B 124 23.95 -6.72 -17.99
N THR B 125 24.68 -6.38 -19.06
CA THR B 125 26.16 -6.33 -19.08
C THR B 125 26.64 -4.96 -18.60
N CYS B 126 25.75 -3.97 -18.58
CA CYS B 126 26.12 -2.57 -18.24
C CYS B 126 26.41 -2.45 -16.73
N THR B 127 26.79 -1.24 -16.30
CA THR B 127 27.01 -0.84 -14.88
C THR B 127 25.67 -0.84 -14.12
N GLU B 128 25.76 -0.80 -12.79
CA GLU B 128 24.61 -0.97 -11.86
C GLU B 128 23.64 0.19 -12.02
N ARG B 129 24.09 1.45 -12.03
CA ARG B 129 23.16 2.60 -12.19
C ARG B 129 22.49 2.48 -13.58
N LEU B 130 23.21 2.07 -14.61
CA LEU B 130 22.64 1.93 -15.98
C LEU B 130 21.62 0.79 -16.05
N LYS B 131 21.72 -0.24 -15.19
CA LYS B 131 20.72 -1.34 -15.16
C LYS B 131 19.37 -0.77 -14.72
N LEU B 132 19.39 0.17 -13.75
CA LEU B 132 18.15 0.81 -13.23
C LEU B 132 17.55 1.72 -14.31
N PHE B 133 18.39 2.55 -14.96
CA PHE B 133 17.95 3.48 -16.04
C PHE B 133 17.25 2.62 -17.09
N ALA B 134 17.98 1.60 -17.56
CA ALA B 134 17.56 0.53 -18.51
C ALA B 134 16.25 -0.10 -18.05
N ALA B 135 16.18 -0.57 -16.80
CA ALA B 135 15.00 -1.28 -16.25
C ALA B 135 13.78 -0.36 -16.27
N GLU B 136 13.98 0.88 -15.82
CA GLU B 136 12.93 1.93 -15.70
C GLU B 136 12.47 2.28 -17.12
N THR B 137 13.43 2.48 -18.03
CA THR B 137 13.15 2.87 -19.42
C THR B 137 12.29 1.78 -20.05
N LEU B 138 12.78 0.54 -19.93
CA LEU B 138 12.13 -0.65 -20.54
C LEU B 138 10.68 -0.69 -20.07
N LYS B 139 10.47 -0.64 -18.75
CA LYS B 139 9.13 -0.77 -18.13
C LYS B 139 8.24 0.38 -18.65
N ALA B 140 8.79 1.59 -18.70
CA ALA B 140 8.10 2.77 -19.29
C ALA B 140 7.59 2.36 -20.66
N THR B 141 8.52 2.02 -21.56
CA THR B 141 8.24 1.66 -22.98
C THR B 141 7.24 0.49 -23.03
N GLU B 142 7.46 -0.52 -22.19
CA GLU B 142 6.56 -1.70 -22.05
C GLU B 142 5.15 -1.17 -21.77
N GLU B 143 5.02 -0.19 -20.88
CA GLU B 143 3.70 0.29 -20.36
C GLU B 143 3.06 1.22 -21.40
N THR B 144 3.80 2.19 -21.91
CA THR B 144 3.32 3.18 -22.92
C THR B 144 2.84 2.43 -24.16
N PHE B 145 3.48 1.32 -24.52
CA PHE B 145 3.09 0.50 -25.70
C PHE B 145 1.73 -0.19 -25.47
N LYS B 146 1.30 -0.41 -24.23
CA LYS B 146 -0.02 -1.06 -23.95
C LYS B 146 -1.12 -0.16 -24.49
N LEU B 147 -1.00 1.16 -24.29
CA LEU B 147 -1.94 2.20 -24.80
C LEU B 147 -2.27 1.93 -26.28
N SER B 148 -1.29 1.43 -27.05
CA SER B 148 -1.30 1.24 -28.53
C SER B 148 -2.03 -0.04 -28.96
N TYR B 149 -3.02 -0.53 -28.20
CA TYR B 149 -3.84 -1.73 -28.53
C TYR B 149 -5.31 -1.32 -28.68
N GLY B 150 -6.15 -2.24 -29.15
CA GLY B 150 -7.58 -1.99 -29.45
C GLY B 150 -8.47 -2.29 -28.24
N ILE B 151 -9.36 -1.35 -27.88
CA ILE B 151 -10.38 -1.50 -26.79
C ILE B 151 -11.45 -2.48 -27.31
N ALA B 152 -11.83 -3.47 -26.49
CA ALA B 152 -12.80 -4.55 -26.84
C ALA B 152 -14.08 -4.35 -26.04
N THR B 153 -15.18 -4.01 -26.72
CA THR B 153 -16.54 -3.87 -26.12
C THR B 153 -17.35 -5.11 -26.47
N VAL B 154 -18.19 -5.55 -25.52
CA VAL B 154 -19.03 -6.79 -25.60
C VAL B 154 -20.27 -6.46 -26.44
N ARG B 155 -20.28 -6.92 -27.70
CA ARG B 155 -21.44 -6.79 -28.62
C ARG B 155 -22.66 -7.47 -27.97
N GLU B 156 -22.49 -8.66 -27.39
CA GLU B 156 -23.58 -9.41 -26.69
C GLU B 156 -23.02 -10.53 -25.77
N VAL B 157 -23.70 -10.77 -24.63
CA VAL B 157 -23.37 -11.81 -23.60
C VAL B 157 -23.98 -13.14 -24.04
N LEU B 158 -23.22 -14.24 -23.99
CA LEU B 158 -23.72 -15.60 -24.37
C LEU B 158 -24.10 -16.41 -23.11
N SER B 159 -23.16 -16.54 -22.16
CA SER B 159 -23.32 -17.36 -20.93
C SER B 159 -22.58 -16.71 -19.76
N ASP B 160 -22.27 -17.52 -18.73
CA ASP B 160 -21.59 -17.13 -17.47
C ASP B 160 -20.07 -17.30 -17.62
N ARG B 161 -19.59 -17.71 -18.80
CA ARG B 161 -18.14 -17.86 -19.10
C ARG B 161 -17.81 -17.66 -20.59
N GLU B 162 -18.73 -17.16 -21.43
CA GLU B 162 -18.49 -16.92 -22.89
C GLU B 162 -19.24 -15.68 -23.36
N LEU B 163 -18.69 -14.96 -24.34
CA LEU B 163 -19.36 -13.79 -24.99
C LEU B 163 -18.78 -13.56 -26.39
N HIS B 164 -19.34 -12.57 -27.10
CA HIS B 164 -18.87 -12.07 -28.43
C HIS B 164 -18.27 -10.68 -28.25
N LEU B 165 -17.02 -10.48 -28.69
CA LEU B 165 -16.26 -9.20 -28.54
C LEU B 165 -16.21 -8.46 -29.88
N SER B 166 -16.42 -7.12 -29.85
CA SER B 166 -16.23 -6.18 -30.98
C SER B 166 -15.06 -5.23 -30.66
N TRP B 167 -14.00 -5.28 -31.49
CA TRP B 167 -12.68 -4.60 -31.30
C TRP B 167 -12.65 -3.25 -32.03
N GLU B 168 -11.95 -2.25 -31.46
CA GLU B 168 -11.84 -0.88 -32.04
C GLU B 168 -11.10 -0.98 -33.38
N VAL B 169 -11.62 -0.28 -34.40
CA VAL B 169 -11.10 -0.22 -35.80
C VAL B 169 -9.68 0.36 -35.80
N GLY B 170 -8.77 -0.24 -36.60
CA GLY B 170 -7.48 0.35 -37.03
C GLY B 170 -6.40 0.35 -35.96
N LYS B 171 -6.56 -0.42 -34.87
CA LYS B 171 -5.53 -0.67 -33.83
C LYS B 171 -5.41 -2.18 -33.65
N PRO B 172 -4.21 -2.70 -33.27
CA PRO B 172 -3.97 -4.14 -33.20
C PRO B 172 -4.81 -4.77 -32.08
N ARG B 173 -4.88 -6.11 -32.06
CA ARG B 173 -5.71 -6.89 -31.09
C ARG B 173 -4.80 -7.71 -30.17
N PRO B 174 -4.86 -7.49 -28.83
CA PRO B 174 -4.01 -8.23 -27.90
C PRO B 174 -4.31 -9.73 -27.94
N PRO B 175 -3.29 -10.61 -27.86
CA PRO B 175 -3.52 -12.05 -27.88
C PRO B 175 -4.38 -12.41 -26.66
N LEU B 176 -5.43 -13.20 -26.87
CA LEU B 176 -6.41 -13.60 -25.83
C LEU B 176 -5.90 -14.86 -25.14
N ASN B 177 -4.93 -14.68 -24.24
CA ASN B 177 -4.34 -15.73 -23.38
C ASN B 177 -4.56 -15.32 -21.92
N ARG B 178 -4.13 -16.15 -20.96
CA ARG B 178 -4.20 -15.85 -19.50
C ARG B 178 -3.18 -14.75 -19.15
N ASN B 179 -2.19 -14.51 -20.04
CA ASN B 179 -1.13 -13.47 -19.89
C ASN B 179 -1.76 -12.08 -19.80
N TYR B 180 -2.55 -11.70 -20.81
CA TYR B 180 -3.12 -10.33 -21.01
C TYR B 180 -4.40 -10.22 -20.17
N VAL B 181 -4.27 -9.68 -18.96
CA VAL B 181 -5.42 -9.33 -18.07
C VAL B 181 -5.90 -7.93 -18.51
N PHE B 182 -7.21 -7.77 -18.68
CA PHE B 182 -7.86 -6.50 -19.09
C PHE B 182 -8.68 -5.97 -17.92
N THR B 183 -8.94 -4.66 -17.91
CA THR B 183 -9.81 -3.99 -16.91
C THR B 183 -11.12 -3.61 -17.63
N GLY B 184 -12.25 -3.94 -17.01
CA GLY B 184 -13.61 -3.72 -17.53
C GLY B 184 -14.21 -2.45 -16.96
N TYR B 185 -15.11 -1.80 -17.71
CA TYR B 185 -15.63 -0.44 -17.42
C TYR B 185 -17.04 -0.28 -18.03
N GLN B 194 -14.85 0.47 -12.93
CA GLN B 194 -13.81 -0.59 -12.89
C GLN B 194 -14.42 -1.89 -12.36
N ILE B 195 -15.26 -2.55 -13.15
CA ILE B 195 -16.02 -3.77 -12.75
C ILE B 195 -15.05 -4.96 -12.59
N GLY B 196 -13.83 -4.71 -12.10
CA GLY B 196 -12.82 -5.75 -11.81
C GLY B 196 -12.14 -6.28 -13.06
N GLU B 197 -10.99 -6.95 -12.89
CA GLU B 197 -10.14 -7.47 -14.00
C GLU B 197 -10.83 -8.67 -14.66
N TYR B 198 -10.48 -8.96 -15.92
CA TYR B 198 -10.99 -10.11 -16.72
C TYR B 198 -9.87 -10.63 -17.63
N THR B 199 -9.82 -11.95 -17.86
CA THR B 199 -9.02 -12.60 -18.93
C THR B 199 -9.99 -13.25 -19.93
N PHE B 200 -9.49 -13.57 -21.12
CA PHE B 200 -10.22 -14.13 -22.28
C PHE B 200 -9.48 -15.37 -22.82
N GLU B 201 -10.21 -16.23 -23.57
CA GLU B 201 -9.68 -17.40 -24.33
C GLU B 201 -10.63 -17.67 -25.52
N LYS B 202 -10.09 -17.95 -26.72
CA LYS B 202 -10.85 -18.07 -27.99
C LYS B 202 -11.90 -19.20 -27.88
N ASP B 207 -16.37 -16.57 -33.48
CA ASP B 207 -16.37 -15.24 -32.80
C ASP B 207 -16.28 -15.43 -31.28
N ALA B 208 -16.89 -16.50 -30.74
CA ALA B 208 -17.08 -16.74 -29.29
C ALA B 208 -15.73 -16.75 -28.54
N VAL B 209 -15.69 -16.03 -27.42
CA VAL B 209 -14.53 -15.93 -26.48
C VAL B 209 -14.99 -16.45 -25.11
N VAL B 210 -14.06 -17.01 -24.33
CA VAL B 210 -14.26 -17.49 -22.93
C VAL B 210 -13.71 -16.42 -21.96
N TYR B 211 -14.60 -15.64 -21.34
CA TYR B 211 -14.28 -14.50 -20.43
C TYR B 211 -14.14 -15.01 -18.99
N ARG B 212 -13.20 -14.44 -18.21
CA ARG B 212 -12.87 -14.92 -16.84
C ARG B 212 -12.82 -13.73 -15.86
N GLY B 213 -13.93 -13.46 -15.16
CA GLY B 213 -14.06 -12.33 -14.21
C GLY B 213 -13.49 -12.66 -12.84
N THR B 214 -12.48 -11.90 -12.40
CA THR B 214 -11.94 -11.94 -11.02
C THR B 214 -13.05 -11.48 -10.05
N THR B 215 -14.01 -10.69 -10.53
CA THR B 215 -15.31 -10.42 -9.86
C THR B 215 -16.42 -11.13 -10.65
N THR B 216 -17.35 -11.80 -9.97
CA THR B 216 -18.59 -12.38 -10.57
C THR B 216 -19.61 -11.26 -10.72
N TYR B 217 -19.94 -10.88 -11.97
CA TYR B 217 -20.76 -9.69 -12.30
C TYR B 217 -21.60 -9.95 -13.56
N LYS B 218 -22.91 -9.72 -13.45
CA LYS B 218 -23.85 -9.67 -14.61
C LYS B 218 -23.45 -8.46 -15.47
N LEU B 219 -22.43 -8.65 -16.32
CA LEU B 219 -21.79 -7.59 -17.15
C LEU B 219 -22.72 -7.21 -18.31
N ASN B 220 -22.98 -5.91 -18.50
CA ASN B 220 -23.92 -5.37 -19.50
C ASN B 220 -23.30 -5.46 -20.90
N VAL B 221 -24.10 -5.21 -21.95
CA VAL B 221 -23.63 -4.87 -23.32
C VAL B 221 -23.24 -3.38 -23.34
N GLY B 222 -22.19 -3.04 -24.08
CA GLY B 222 -21.62 -1.67 -24.09
C GLY B 222 -20.47 -1.54 -23.10
N ASP B 223 -20.44 -2.35 -22.05
CA ASP B 223 -19.29 -2.47 -21.13
C ASP B 223 -18.06 -2.83 -21.98
N TYR B 224 -16.91 -2.20 -21.70
CA TYR B 224 -15.68 -2.29 -22.54
C TYR B 224 -14.48 -2.64 -21.64
N PHE B 225 -13.55 -3.42 -22.17
CA PHE B 225 -12.35 -3.95 -21.47
C PHE B 225 -11.08 -3.28 -22.05
N VAL B 226 -10.17 -2.85 -21.18
CA VAL B 226 -8.90 -2.14 -21.53
C VAL B 226 -7.72 -2.81 -20.80
N LEU B 227 -6.50 -2.65 -21.30
CA LEU B 227 -5.26 -3.24 -20.67
C LEU B 227 -4.68 -2.26 -19.65
N THR B 228 -4.57 -2.70 -18.40
CA THR B 228 -4.18 -1.89 -17.21
C THR B 228 -2.74 -1.37 -17.37
N SER B 229 -2.59 -0.15 -17.88
CA SER B 229 -1.29 0.54 -18.05
C SER B 229 -0.89 1.22 -16.73
N HIS B 230 -0.19 0.49 -15.84
CA HIS B 230 0.27 0.99 -14.52
C HIS B 230 1.46 1.93 -14.73
N THR B 231 1.46 3.08 -14.04
CA THR B 231 2.53 4.11 -14.11
C THR B 231 3.77 3.54 -13.41
N VAL B 232 4.91 3.66 -14.08
CA VAL B 232 6.26 3.10 -13.75
C VAL B 232 6.96 4.05 -12.79
N MET B 233 6.98 3.74 -11.49
CA MET B 233 7.73 4.53 -10.50
C MET B 233 9.22 4.53 -10.85
N PRO B 234 9.99 5.55 -10.44
CA PRO B 234 11.44 5.52 -10.59
C PRO B 234 12.03 4.55 -9.57
N LEU B 235 13.16 3.93 -9.92
CA LEU B 235 13.91 2.97 -9.07
C LEU B 235 14.97 3.78 -8.32
N SER B 236 15.63 3.19 -7.34
CA SER B 236 16.62 3.86 -6.44
C SER B 236 17.64 2.84 -5.96
N ALA B 237 17.15 1.77 -5.34
CA ALA B 237 17.99 0.67 -4.80
C ALA B 237 18.63 -0.07 -5.97
N PRO B 238 19.86 -0.62 -5.80
CA PRO B 238 20.45 -1.49 -6.82
C PRO B 238 19.65 -2.81 -6.99
N THR B 239 19.93 -3.55 -8.06
CA THR B 239 19.35 -4.91 -8.29
C THR B 239 19.86 -5.81 -7.17
N LEU B 240 21.17 -5.68 -6.92
CA LEU B 240 21.98 -6.43 -5.95
C LEU B 240 22.78 -5.45 -5.10
N VAL B 241 22.39 -5.23 -3.85
CA VAL B 241 23.25 -4.57 -2.84
C VAL B 241 24.66 -5.13 -2.95
N PRO B 242 25.73 -4.35 -2.69
CA PRO B 242 27.08 -4.84 -2.92
C PRO B 242 27.29 -6.05 -1.99
N GLN B 243 28.16 -7.00 -2.37
CA GLN B 243 28.44 -8.26 -1.63
C GLN B 243 29.21 -7.94 -0.35
N GLU B 244 28.98 -8.72 0.71
CA GLU B 244 29.78 -8.71 1.96
C GLU B 244 29.98 -10.15 2.43
N HIS B 245 31.24 -10.58 2.52
CA HIS B 245 31.64 -11.86 3.14
C HIS B 245 32.07 -11.59 4.59
N TYR B 246 31.61 -12.42 5.51
CA TYR B 246 31.96 -12.36 6.95
C TYR B 246 32.60 -13.71 7.32
N VAL B 247 33.49 -13.70 8.31
CA VAL B 247 34.23 -14.90 8.81
C VAL B 247 33.34 -15.65 9.80
N ARG B 248 32.26 -15.03 10.27
CA ARG B 248 31.30 -15.61 11.24
C ARG B 248 29.88 -15.24 10.82
N ILE B 249 28.92 -16.14 11.13
CA ILE B 249 27.45 -15.97 10.90
C ILE B 249 27.02 -14.63 11.51
N THR B 250 26.65 -13.67 10.67
CA THR B 250 26.37 -12.26 11.07
C THR B 250 24.85 -12.12 11.29
N GLY B 251 24.43 -11.54 12.41
CA GLY B 251 23.06 -11.08 12.67
C GLY B 251 22.05 -12.21 12.89
N LEU B 252 22.51 -13.46 12.93
CA LEU B 252 21.61 -14.64 12.99
C LEU B 252 22.12 -15.58 14.08
N TYR B 253 21.25 -16.46 14.57
CA TYR B 253 21.52 -17.34 15.75
C TYR B 253 21.07 -18.75 15.43
N PRO B 254 22.01 -19.63 15.00
CA PRO B 254 21.67 -21.01 14.62
C PRO B 254 21.02 -21.84 15.76
N THR B 255 20.30 -22.92 15.43
CA THR B 255 19.91 -23.99 16.40
C THR B 255 21.07 -24.97 16.59
N LEU B 256 20.95 -25.86 17.59
CA LEU B 256 21.79 -27.07 17.83
C LEU B 256 20.89 -28.31 17.88
N ASN B 257 19.69 -28.18 17.28
CA ASN B 257 18.56 -29.13 17.42
C ASN B 257 17.74 -29.11 16.13
N ILE B 258 18.41 -29.09 14.96
CA ILE B 258 17.77 -28.95 13.61
C ILE B 258 17.35 -30.34 13.12
N SER B 259 16.05 -30.55 12.89
CA SER B 259 15.45 -31.82 12.45
C SER B 259 16.30 -32.37 11.31
N ASP B 260 16.62 -33.68 11.37
CA ASP B 260 17.49 -34.41 10.42
C ASP B 260 17.02 -34.16 8.98
N GLU B 261 15.71 -33.90 8.81
CA GLU B 261 14.99 -33.66 7.53
C GLU B 261 15.61 -32.47 6.78
N PHE B 262 16.28 -31.55 7.50
CA PHE B 262 17.01 -30.37 6.96
C PHE B 262 18.53 -30.43 7.26
N SER B 263 19.08 -31.58 7.67
CA SER B 263 20.53 -31.82 7.91
C SER B 263 21.35 -31.46 6.67
N SER B 264 20.86 -31.84 5.48
CA SER B 264 21.61 -31.75 4.20
C SER B 264 21.95 -30.28 3.92
N ASN B 265 21.14 -29.34 4.41
CA ASN B 265 21.20 -27.90 4.07
C ASN B 265 21.96 -27.06 5.12
N VAL B 266 22.77 -27.64 6.01
CA VAL B 266 23.33 -26.85 7.16
C VAL B 266 24.50 -25.99 6.66
N ALA B 267 25.42 -26.54 5.87
CA ALA B 267 26.61 -25.82 5.37
C ALA B 267 26.18 -24.65 4.44
N ASN B 268 25.13 -24.85 3.64
CA ASN B 268 24.48 -23.79 2.82
C ASN B 268 23.85 -22.71 3.71
N TYR B 269 23.19 -23.13 4.80
CA TYR B 269 22.51 -22.24 5.76
C TYR B 269 23.56 -21.37 6.47
N GLN B 270 24.76 -21.93 6.71
CA GLN B 270 25.89 -21.23 7.37
C GLN B 270 26.52 -20.28 6.35
N LYS B 271 26.47 -20.61 5.07
CA LYS B 271 26.96 -19.71 3.98
C LYS B 271 26.00 -18.52 3.89
N VAL B 272 24.68 -18.77 3.89
CA VAL B 272 23.64 -17.69 3.88
C VAL B 272 23.95 -16.66 4.98
N GLY B 273 24.41 -17.12 6.16
CA GLY B 273 24.67 -16.28 7.35
C GLY B 273 25.99 -15.54 7.30
N MET B 274 26.97 -16.07 6.55
CA MET B 274 28.35 -15.53 6.42
C MET B 274 28.50 -14.71 5.13
N GLN B 275 27.40 -14.23 4.55
CA GLN B 275 27.34 -13.48 3.26
C GLN B 275 26.15 -12.52 3.33
N LYS B 276 26.23 -11.35 2.68
CA LYS B 276 25.07 -10.43 2.57
C LYS B 276 24.00 -11.08 1.68
N TYR B 277 24.33 -11.42 0.42
CA TYR B 277 23.35 -12.10 -0.47
C TYR B 277 23.96 -13.43 -0.91
N SER B 278 23.09 -14.35 -1.30
CA SER B 278 23.48 -15.71 -1.73
C SER B 278 22.53 -16.17 -2.85
N THR B 279 23.12 -16.85 -3.86
CA THR B 279 22.44 -17.49 -5.02
C THR B 279 22.33 -19.00 -4.79
N LEU B 280 21.10 -19.53 -4.83
CA LEU B 280 20.82 -20.99 -4.90
C LEU B 280 20.20 -21.39 -6.25
N GLN B 281 20.96 -22.12 -7.06
CA GLN B 281 20.41 -22.83 -8.23
C GLN B 281 19.88 -24.18 -7.77
N GLY B 282 18.57 -24.38 -7.85
CA GLY B 282 17.88 -25.67 -7.68
C GLY B 282 17.09 -26.05 -8.91
N PRO B 283 17.62 -26.98 -9.74
CA PRO B 283 16.84 -27.68 -10.76
C PRO B 283 15.53 -28.22 -10.18
N PRO B 284 14.60 -28.62 -11.06
CA PRO B 284 13.28 -29.04 -10.62
C PRO B 284 13.36 -30.18 -9.59
N GLY B 285 12.60 -30.05 -8.50
CA GLY B 285 12.36 -31.13 -7.53
C GLY B 285 13.58 -31.41 -6.68
N THR B 286 14.50 -30.44 -6.57
CA THR B 286 15.77 -30.58 -5.80
C THR B 286 15.61 -30.04 -4.37
N GLY B 287 14.41 -29.62 -3.95
CA GLY B 287 14.13 -29.11 -2.58
C GLY B 287 14.49 -27.64 -2.37
N LYS B 288 14.19 -26.75 -3.32
CA LYS B 288 14.36 -25.27 -3.13
C LYS B 288 13.41 -24.85 -2.00
N SER B 289 12.12 -25.14 -2.16
CA SER B 289 11.03 -24.87 -1.19
C SER B 289 11.46 -25.36 0.20
N HIS B 290 11.98 -26.59 0.25
CA HIS B 290 12.46 -27.27 1.49
C HIS B 290 13.61 -26.46 2.06
N PHE B 291 14.56 -26.06 1.20
CA PHE B 291 15.68 -25.17 1.57
C PHE B 291 15.20 -23.87 2.22
N ALA B 292 14.27 -23.19 1.58
CA ALA B 292 13.76 -21.85 2.01
C ALA B 292 13.09 -21.97 3.38
N ILE B 293 12.21 -22.96 3.59
CA ILE B 293 11.45 -23.13 4.87
C ILE B 293 12.41 -23.63 5.94
N GLY B 294 13.36 -24.48 5.56
CA GLY B 294 14.37 -24.99 6.50
C GLY B 294 15.26 -23.90 7.02
N LEU B 295 15.38 -22.83 6.27
CA LEU B 295 16.30 -21.73 6.66
C LEU B 295 15.74 -21.10 7.94
N ALA B 296 14.42 -21.03 8.05
CA ALA B 296 13.69 -20.43 9.21
C ALA B 296 13.90 -21.29 10.45
N LEU B 297 13.97 -22.62 10.27
CA LEU B 297 14.11 -23.63 11.35
C LEU B 297 15.56 -23.60 11.87
N TYR B 298 16.53 -23.35 11.00
CA TYR B 298 17.96 -23.24 11.38
C TYR B 298 18.23 -21.90 12.05
N TYR B 299 17.56 -20.83 11.60
CA TYR B 299 17.62 -19.47 12.21
C TYR B 299 16.26 -19.15 12.79
N PRO B 300 15.86 -19.86 13.86
CA PRO B 300 14.47 -19.93 14.30
C PRO B 300 13.87 -18.63 14.87
N SER B 301 14.68 -17.64 15.26
CA SER B 301 14.22 -16.34 15.82
C SER B 301 14.27 -15.25 14.73
N ALA B 302 15.03 -15.48 13.65
CA ALA B 302 15.14 -14.55 12.50
C ALA B 302 13.77 -14.31 11.87
N ARG B 303 13.53 -13.07 11.47
CA ARG B 303 12.33 -12.60 10.74
C ARG B 303 12.63 -12.80 9.25
N ILE B 304 11.75 -13.51 8.58
CA ILE B 304 11.97 -13.89 7.16
C ILE B 304 10.77 -13.37 6.36
N VAL B 305 11.10 -12.58 5.36
CA VAL B 305 10.17 -12.18 4.28
C VAL B 305 10.46 -13.09 3.08
N TYR B 306 9.43 -13.82 2.68
CA TYR B 306 9.41 -14.77 1.55
C TYR B 306 8.68 -14.07 0.41
N THR B 307 9.36 -13.84 -0.70
CA THR B 307 8.82 -13.08 -1.86
C THR B 307 9.15 -13.82 -3.15
N ALA B 308 8.25 -13.67 -4.13
CA ALA B 308 8.40 -13.99 -5.58
C ALA B 308 7.50 -13.03 -6.39
N CYS B 309 7.68 -12.99 -7.71
CA CYS B 309 6.92 -12.08 -8.59
C CYS B 309 5.45 -12.51 -8.69
N SER B 310 5.14 -13.81 -8.64
CA SER B 310 3.75 -14.33 -8.82
C SER B 310 3.15 -14.78 -7.48
N HIS B 311 1.81 -14.79 -7.41
CA HIS B 311 1.04 -15.30 -6.24
C HIS B 311 1.27 -16.82 -6.11
N ALA B 312 1.38 -17.52 -7.24
CA ALA B 312 1.57 -18.98 -7.30
C ALA B 312 2.88 -19.35 -6.56
N ALA B 313 3.96 -18.64 -6.84
CA ALA B 313 5.28 -18.94 -6.24
C ALA B 313 5.25 -18.66 -4.75
N VAL B 314 4.57 -17.57 -4.34
CA VAL B 314 4.42 -17.19 -2.90
C VAL B 314 3.51 -18.18 -2.18
N ASP B 315 2.40 -18.57 -2.83
CA ASP B 315 1.39 -19.58 -2.37
C ASP B 315 2.07 -20.94 -2.15
N ALA B 316 3.00 -21.32 -3.04
CA ALA B 316 3.83 -22.53 -2.88
C ALA B 316 4.67 -22.43 -1.59
N LEU B 317 5.37 -21.31 -1.37
CA LEU B 317 6.22 -21.15 -0.15
C LEU B 317 5.33 -21.23 1.10
N CYS B 318 4.06 -20.81 1.02
CA CYS B 318 3.09 -20.80 2.16
C CYS B 318 2.68 -22.25 2.49
N GLU B 319 2.23 -23.02 1.50
CA GLU B 319 1.97 -24.47 1.63
C GLU B 319 3.15 -25.13 2.34
N LYS B 320 4.38 -24.95 1.86
CA LYS B 320 5.56 -25.54 2.53
C LYS B 320 5.68 -24.99 3.95
N ALA B 321 5.48 -23.70 4.16
CA ALA B 321 5.59 -23.09 5.51
C ALA B 321 4.56 -23.73 6.44
N LEU B 322 3.35 -23.97 5.93
CA LEU B 322 2.20 -24.49 6.72
C LEU B 322 2.55 -25.85 7.34
N LYS B 323 3.41 -26.63 6.68
CA LYS B 323 3.83 -27.98 7.17
C LYS B 323 4.93 -27.88 8.26
N TYR B 324 5.71 -26.80 8.35
CA TYR B 324 6.94 -26.78 9.18
C TYR B 324 7.03 -25.60 10.13
N LEU B 325 6.34 -24.49 9.88
CA LEU B 325 6.52 -23.25 10.68
C LEU B 325 5.22 -22.97 11.42
N PRO B 326 5.28 -22.45 12.68
CA PRO B 326 4.06 -22.25 13.46
C PRO B 326 3.16 -21.21 12.80
N ILE B 327 1.89 -21.56 12.58
CA ILE B 327 0.87 -20.79 11.82
C ILE B 327 0.61 -19.42 12.50
N ASP B 328 0.73 -19.32 13.82
CA ASP B 328 0.51 -18.05 14.57
C ASP B 328 1.51 -16.98 14.11
N LYS B 329 2.67 -17.37 13.55
CA LYS B 329 3.80 -16.45 13.24
C LYS B 329 3.96 -16.26 11.72
N CYS B 330 2.93 -16.60 10.95
CA CYS B 330 2.91 -16.47 9.47
C CYS B 330 1.83 -15.48 9.01
N SER B 331 2.16 -14.66 8.01
CA SER B 331 1.21 -13.74 7.35
C SER B 331 1.40 -13.76 5.83
N ARG B 332 0.29 -13.94 5.09
CA ARG B 332 0.16 -13.78 3.62
C ARG B 332 -0.36 -12.36 3.35
N ILE B 333 0.46 -11.49 2.75
CA ILE B 333 0.16 -10.06 2.45
C ILE B 333 -0.55 -10.00 1.11
N ILE B 334 -1.82 -9.59 1.10
CA ILE B 334 -2.64 -9.53 -0.14
C ILE B 334 -2.90 -8.07 -0.47
N PRO B 335 -2.61 -7.60 -1.71
CA PRO B 335 -2.93 -6.24 -2.12
C PRO B 335 -4.44 -6.02 -1.98
N ALA B 336 -4.84 -4.94 -1.29
CA ALA B 336 -6.24 -4.56 -0.98
C ALA B 336 -7.11 -4.65 -2.25
N ARG B 337 -6.49 -4.49 -3.43
CA ARG B 337 -7.09 -4.76 -4.77
C ARG B 337 -6.70 -6.17 -5.23
N ALA B 338 -7.18 -7.21 -4.52
CA ALA B 338 -6.83 -8.63 -4.75
C ALA B 338 -7.29 -9.06 -6.15
N ARG B 339 -6.47 -9.87 -6.83
CA ARG B 339 -6.54 -10.15 -8.29
C ARG B 339 -6.79 -11.65 -8.56
N VAL B 340 -6.34 -12.51 -7.63
CA VAL B 340 -6.53 -13.99 -7.61
C VAL B 340 -7.00 -14.36 -6.21
N GLU B 341 -7.45 -15.61 -6.02
CA GLU B 341 -7.44 -16.28 -4.69
C GLU B 341 -5.98 -16.50 -4.32
N CYS B 342 -5.62 -16.29 -3.04
CA CYS B 342 -4.30 -16.63 -2.46
C CYS B 342 -4.46 -17.54 -1.25
N PHE B 343 -3.32 -17.98 -0.74
CA PHE B 343 -3.22 -18.79 0.48
C PHE B 343 -4.11 -18.14 1.55
N ASP B 344 -5.14 -18.88 2.01
CA ASP B 344 -6.15 -18.43 3.00
C ASP B 344 -5.73 -18.84 4.42
N LYS B 345 -4.84 -19.82 4.60
CA LYS B 345 -4.59 -20.52 5.90
C LYS B 345 -3.67 -19.71 6.82
N PHE B 346 -3.26 -18.49 6.45
CA PHE B 346 -2.46 -17.60 7.34
C PHE B 346 -3.30 -16.40 7.78
N LYS B 347 -2.94 -15.74 8.89
CA LYS B 347 -3.40 -14.35 9.18
C LYS B 347 -3.04 -13.51 7.93
N VAL B 348 -4.02 -12.80 7.35
CA VAL B 348 -3.85 -11.96 6.12
C VAL B 348 -3.54 -10.50 6.49
N ASN B 349 -2.40 -9.97 6.03
CA ASN B 349 -2.01 -8.51 6.01
C ASN B 349 -1.43 -8.09 7.37
N SER B 350 -1.02 -9.05 8.22
CA SER B 350 -0.24 -8.79 9.45
C SER B 350 1.25 -8.70 9.10
N THR B 351 1.60 -7.67 8.33
CA THR B 351 2.98 -7.18 8.03
C THR B 351 4.02 -7.49 9.13
N LEU B 352 3.62 -7.61 10.41
CA LEU B 352 4.61 -7.64 11.53
C LEU B 352 4.86 -9.06 12.04
N GLU B 353 4.22 -10.08 11.46
CA GLU B 353 4.48 -11.49 11.83
C GLU B 353 5.94 -11.83 11.48
N GLN B 354 6.57 -12.74 12.23
CA GLN B 354 7.96 -13.20 11.99
C GLN B 354 8.13 -13.67 10.53
N TYR B 355 7.06 -14.20 9.93
CA TYR B 355 7.05 -14.83 8.59
C TYR B 355 6.03 -14.10 7.72
N VAL B 356 6.51 -13.49 6.65
CA VAL B 356 5.68 -12.67 5.72
C VAL B 356 5.87 -13.21 4.29
N PHE B 357 4.76 -13.53 3.66
CA PHE B 357 4.69 -14.19 2.33
C PHE B 357 3.99 -13.21 1.41
N CYS B 358 4.77 -12.54 0.56
CA CYS B 358 4.29 -11.42 -0.28
C CYS B 358 4.88 -11.44 -1.69
N THR B 359 4.02 -11.26 -2.70
CA THR B 359 4.44 -10.93 -4.09
C THR B 359 5.27 -9.64 -4.05
N VAL B 360 6.28 -9.54 -4.92
CA VAL B 360 7.20 -8.37 -5.01
C VAL B 360 6.38 -7.07 -5.02
N ASN B 361 5.40 -6.98 -5.92
CA ASN B 361 4.75 -5.69 -6.30
C ASN B 361 3.74 -5.28 -5.24
N ALA B 362 3.61 -6.04 -4.13
CA ALA B 362 2.72 -5.73 -2.97
C ALA B 362 3.54 -5.53 -1.69
N LEU B 363 4.86 -5.73 -1.74
CA LEU B 363 5.69 -5.70 -0.51
C LEU B 363 5.42 -4.40 0.23
N PRO B 364 5.35 -4.45 1.56
CA PRO B 364 5.47 -3.23 2.36
C PRO B 364 6.94 -2.80 2.50
N GLU B 365 7.14 -1.57 2.97
CA GLU B 365 8.46 -1.07 3.43
C GLU B 365 8.68 -1.62 4.84
N THR B 366 9.67 -2.49 5.00
CA THR B 366 9.94 -3.15 6.31
C THR B 366 11.39 -3.62 6.31
N THR B 367 11.79 -4.25 7.41
CA THR B 367 13.15 -4.77 7.60
C THR B 367 13.02 -6.27 7.80
N ALA B 368 14.13 -7.00 7.75
CA ALA B 368 14.17 -8.47 7.91
C ALA B 368 15.58 -8.92 8.23
N ASP B 369 15.70 -10.03 8.95
CA ASP B 369 16.99 -10.72 9.17
C ASP B 369 17.37 -11.36 7.83
N ILE B 370 16.41 -12.10 7.24
CA ILE B 370 16.58 -12.82 5.95
C ILE B 370 15.43 -12.42 5.03
N VAL B 371 15.77 -12.12 3.76
CA VAL B 371 14.82 -12.03 2.63
C VAL B 371 15.13 -13.22 1.72
N VAL B 372 14.08 -14.01 1.45
CA VAL B 372 14.11 -15.10 0.44
C VAL B 372 13.28 -14.64 -0.74
N PHE B 373 13.95 -14.55 -1.89
CA PHE B 373 13.35 -14.23 -3.21
C PHE B 373 13.45 -15.50 -4.05
N ASP B 374 12.30 -16.09 -4.34
CA ASP B 374 12.13 -17.40 -5.01
C ASP B 374 11.73 -17.17 -6.47
N GLU B 375 11.82 -18.23 -7.29
CA GLU B 375 11.51 -18.25 -8.75
C GLU B 375 12.29 -17.11 -9.40
N ILE B 376 13.58 -17.05 -9.11
CA ILE B 376 14.41 -15.87 -9.46
C ILE B 376 14.48 -15.79 -10.98
N SER B 377 14.32 -16.89 -11.70
CA SER B 377 14.43 -16.85 -13.19
C SER B 377 13.33 -15.93 -13.72
N MET B 378 12.17 -15.85 -13.04
CA MET B 378 10.99 -15.04 -13.44
C MET B 378 11.13 -13.54 -13.05
N ALA B 379 12.11 -13.19 -12.23
CA ALA B 379 12.33 -11.80 -11.77
C ALA B 379 12.98 -10.99 -12.91
N THR B 380 12.56 -9.73 -13.08
CA THR B 380 13.20 -8.69 -13.93
C THR B 380 14.13 -7.86 -13.03
N ASN B 381 15.09 -7.17 -13.63
CA ASN B 381 15.94 -6.20 -12.89
C ASN B 381 15.07 -5.14 -12.19
N TYR B 382 13.91 -4.74 -12.73
CA TYR B 382 12.95 -3.87 -12.03
C TYR B 382 12.56 -4.56 -10.71
N ASP B 383 12.16 -5.84 -10.73
CA ASP B 383 11.74 -6.60 -9.51
C ASP B 383 12.91 -6.67 -8.51
N LEU B 384 14.13 -7.01 -8.95
CA LEU B 384 15.31 -7.03 -8.06
C LEU B 384 15.48 -5.67 -7.35
N SER B 385 15.31 -4.56 -8.08
CA SER B 385 15.40 -3.17 -7.53
C SER B 385 14.30 -2.93 -6.49
N VAL B 386 13.04 -3.07 -6.86
CA VAL B 386 11.89 -2.83 -5.93
C VAL B 386 12.17 -3.54 -4.61
N VAL B 387 12.61 -4.80 -4.67
CA VAL B 387 12.81 -5.65 -3.47
C VAL B 387 13.83 -4.96 -2.57
N ASN B 388 15.02 -4.63 -3.12
CA ASN B 388 16.11 -3.94 -2.37
C ASN B 388 15.59 -2.59 -1.79
N ALA B 389 14.62 -1.96 -2.46
CA ALA B 389 14.03 -0.67 -2.05
C ALA B 389 13.21 -0.86 -0.78
N ARG B 390 12.36 -1.88 -0.73
CA ARG B 390 11.30 -2.01 0.30
C ARG B 390 11.81 -2.79 1.54
N LEU B 391 12.78 -3.69 1.35
CA LEU B 391 13.28 -4.62 2.39
C LEU B 391 14.76 -4.32 2.68
N ARG B 392 15.01 -3.72 3.85
CA ARG B 392 16.34 -3.61 4.50
C ARG B 392 16.55 -4.85 5.36
N ALA B 393 17.54 -5.68 4.99
CA ALA B 393 17.75 -7.04 5.56
C ALA B 393 19.24 -7.36 5.74
N LYS B 394 19.56 -8.22 6.72
CA LYS B 394 20.94 -8.67 7.04
C LYS B 394 21.47 -9.57 5.91
N HIS B 395 20.61 -10.46 5.41
CA HIS B 395 20.91 -11.44 4.34
C HIS B 395 19.76 -11.55 3.36
N TYR B 396 20.11 -11.57 2.06
CA TYR B 396 19.21 -11.70 0.90
C TYR B 396 19.50 -13.06 0.25
N VAL B 397 18.47 -13.90 0.08
CA VAL B 397 18.65 -15.23 -0.56
C VAL B 397 17.80 -15.31 -1.82
N TYR B 398 18.48 -15.58 -2.92
CA TYR B 398 17.95 -15.62 -4.30
C TYR B 398 17.91 -17.08 -4.75
N ILE B 399 16.69 -17.59 -4.85
CA ILE B 399 16.41 -19.01 -5.22
C ILE B 399 15.73 -19.08 -6.59
N GLY B 400 16.27 -19.93 -7.45
CA GLY B 400 15.58 -20.40 -8.66
C GLY B 400 16.54 -21.15 -9.56
N ASP B 401 16.32 -21.07 -10.86
CA ASP B 401 17.09 -21.88 -11.83
C ASP B 401 17.14 -21.12 -13.14
N PRO B 402 18.33 -20.71 -13.60
CA PRO B 402 18.45 -20.04 -14.89
C PRO B 402 18.16 -21.00 -16.06
N ALA B 403 18.09 -22.32 -15.82
CA ALA B 403 17.68 -23.28 -16.85
C ALA B 403 16.13 -23.36 -16.95
N GLN B 404 15.40 -22.61 -16.13
CA GLN B 404 13.93 -22.49 -16.26
C GLN B 404 13.59 -21.18 -16.97
N LEU B 405 12.29 -20.86 -16.98
CA LEU B 405 11.69 -19.80 -17.82
C LEU B 405 11.88 -18.42 -17.19
N PRO B 406 12.14 -17.41 -18.05
CA PRO B 406 12.18 -16.01 -17.64
C PRO B 406 10.79 -15.36 -17.74
N ALA B 407 10.62 -14.13 -17.25
CA ALA B 407 9.38 -13.36 -17.50
C ALA B 407 9.27 -13.10 -18.99
N PRO B 408 8.04 -13.13 -19.56
CA PRO B 408 7.85 -12.80 -20.96
C PRO B 408 8.25 -11.33 -21.14
N ARG B 409 9.16 -11.05 -22.06
CA ARG B 409 9.48 -9.67 -22.55
C ARG B 409 8.50 -9.35 -23.68
N THR B 410 7.35 -8.75 -23.37
CA THR B 410 6.27 -8.46 -24.35
C THR B 410 6.82 -7.68 -25.56
N LEU B 411 7.81 -6.79 -25.39
CA LEU B 411 8.31 -5.97 -26.54
C LEU B 411 9.33 -6.77 -27.37
N LEU B 412 10.03 -7.74 -26.77
CA LEU B 412 11.09 -8.54 -27.44
C LEU B 412 10.45 -9.46 -28.48
N THR B 413 10.81 -9.24 -29.75
CA THR B 413 10.40 -10.03 -30.94
C THR B 413 11.62 -10.48 -31.76
N LYS B 414 12.81 -9.91 -31.55
CA LYS B 414 14.01 -10.24 -32.39
C LYS B 414 15.18 -10.72 -31.53
N GLY B 415 15.70 -11.91 -31.82
CA GLY B 415 16.79 -12.55 -31.07
C GLY B 415 16.25 -13.31 -29.87
N THR B 416 17.09 -14.12 -29.24
CA THR B 416 16.72 -14.97 -28.08
C THR B 416 17.53 -14.50 -26.88
N LEU B 417 16.80 -14.30 -25.78
CA LEU B 417 17.30 -13.84 -24.46
C LEU B 417 17.88 -15.03 -23.71
N GLU B 418 19.20 -15.16 -23.68
CA GLU B 418 19.90 -16.27 -23.01
C GLU B 418 19.75 -16.12 -21.48
N PRO B 419 19.82 -17.24 -20.73
CA PRO B 419 19.67 -17.21 -19.27
C PRO B 419 20.58 -16.22 -18.54
N GLU B 420 21.77 -15.97 -19.08
CA GLU B 420 22.75 -15.03 -18.45
C GLU B 420 22.29 -13.56 -18.53
N TYR B 421 21.19 -13.24 -19.21
CA TYR B 421 20.64 -11.87 -19.35
C TYR B 421 19.23 -11.76 -18.73
N PHE B 422 18.74 -12.83 -18.11
CA PHE B 422 17.40 -12.87 -17.46
C PHE B 422 17.33 -11.72 -16.45
N ASN B 423 18.35 -11.55 -15.63
CA ASN B 423 18.45 -10.51 -14.56
C ASN B 423 19.86 -10.59 -13.97
N SER B 424 20.21 -9.75 -13.00
CA SER B 424 21.56 -9.70 -12.35
C SER B 424 21.92 -11.04 -11.68
N VAL B 425 20.96 -11.66 -11.01
CA VAL B 425 21.16 -12.92 -10.24
C VAL B 425 21.46 -14.06 -11.22
N CYS B 426 20.65 -14.23 -12.27
CA CYS B 426 20.88 -15.25 -13.33
C CYS B 426 22.23 -14.97 -13.99
N ARG B 427 22.57 -13.71 -14.19
CA ARG B 427 23.87 -13.39 -14.83
C ARG B 427 24.97 -13.93 -13.91
N LEU B 428 24.87 -13.68 -12.60
CA LEU B 428 25.90 -14.17 -11.64
C LEU B 428 25.92 -15.70 -11.68
N MET B 429 24.75 -16.35 -11.66
CA MET B 429 24.66 -17.84 -11.73
C MET B 429 25.33 -18.36 -13.00
N LYS B 430 25.18 -17.71 -14.15
CA LYS B 430 25.65 -18.31 -15.44
C LYS B 430 27.11 -17.98 -15.71
N THR B 431 27.73 -17.15 -14.88
CA THR B 431 29.09 -16.56 -15.11
C THR B 431 30.07 -17.12 -14.08
N ILE B 432 29.91 -16.72 -12.80
CA ILE B 432 30.79 -17.12 -11.67
C ILE B 432 30.12 -18.28 -10.92
N GLY B 433 29.00 -18.76 -11.43
CA GLY B 433 28.28 -19.89 -10.82
C GLY B 433 27.42 -19.45 -9.65
N PRO B 434 26.48 -20.29 -9.22
CA PRO B 434 25.68 -19.98 -8.05
C PRO B 434 26.48 -20.33 -6.77
N ASP B 435 26.06 -19.82 -5.61
CA ASP B 435 26.77 -20.04 -4.32
C ASP B 435 26.51 -21.48 -3.87
N MET B 436 25.31 -21.96 -4.18
CA MET B 436 24.75 -23.23 -3.65
C MET B 436 23.93 -23.87 -4.77
N PHE B 437 24.20 -25.13 -5.09
CA PHE B 437 23.51 -25.92 -6.13
C PHE B 437 22.89 -27.16 -5.47
N LEU B 438 21.56 -27.33 -5.56
CA LEU B 438 20.86 -28.58 -5.14
C LEU B 438 20.92 -29.61 -6.28
N GLY B 439 21.79 -30.61 -6.17
CA GLY B 439 22.27 -31.45 -7.29
C GLY B 439 21.48 -32.76 -7.49
N THR B 440 20.48 -33.08 -6.67
CA THR B 440 19.76 -34.36 -6.82
C THR B 440 18.27 -34.06 -6.98
N CYS B 441 17.73 -34.42 -8.14
CA CYS B 441 16.26 -34.33 -8.42
C CYS B 441 15.56 -35.52 -7.75
N ARG B 442 14.57 -35.26 -6.90
CA ARG B 442 13.81 -36.29 -6.15
C ARG B 442 12.41 -36.41 -6.72
N ARG B 443 12.09 -35.70 -7.80
CA ARG B 443 10.72 -35.68 -8.37
C ARG B 443 10.60 -36.65 -9.54
N CYS B 444 11.63 -36.76 -10.39
CA CYS B 444 11.46 -37.19 -11.81
C CYS B 444 12.15 -38.52 -12.06
N PRO B 445 11.50 -39.41 -12.83
CA PRO B 445 12.13 -40.63 -13.32
C PRO B 445 13.48 -40.32 -13.98
N ALA B 446 14.46 -41.18 -13.76
CA ALA B 446 15.85 -40.96 -14.24
C ALA B 446 15.89 -40.66 -15.75
N GLU B 447 14.97 -41.19 -16.56
CA GLU B 447 14.94 -40.93 -18.05
C GLU B 447 14.88 -39.42 -18.23
N ILE B 448 14.02 -38.75 -17.47
CA ILE B 448 13.90 -37.26 -17.50
C ILE B 448 15.10 -36.56 -16.88
N VAL B 449 15.50 -36.91 -15.66
CA VAL B 449 16.71 -36.32 -15.02
C VAL B 449 17.93 -36.47 -15.95
N ASP B 450 18.19 -37.67 -16.46
CA ASP B 450 19.36 -37.92 -17.35
C ASP B 450 19.25 -36.95 -18.55
N THR B 451 18.06 -36.79 -19.16
CA THR B 451 17.88 -35.94 -20.36
C THR B 451 18.30 -34.49 -20.11
N VAL B 452 17.67 -33.87 -19.11
CA VAL B 452 17.82 -32.43 -18.81
C VAL B 452 19.22 -32.19 -18.21
N SER B 453 19.71 -33.07 -17.34
CA SER B 453 21.09 -33.00 -16.79
C SER B 453 22.04 -32.78 -17.96
N ALA B 454 21.89 -33.54 -19.03
CA ALA B 454 22.76 -33.42 -20.22
C ALA B 454 22.45 -32.10 -20.95
N LEU B 455 21.18 -31.67 -21.01
CA LEU B 455 20.70 -30.57 -21.90
C LEU B 455 21.10 -29.20 -21.35
N VAL B 456 20.87 -28.94 -20.06
CA VAL B 456 20.98 -27.59 -19.44
C VAL B 456 21.79 -27.58 -18.14
N TYR B 457 22.16 -28.71 -17.56
CA TYR B 457 22.90 -28.72 -16.26
C TYR B 457 24.33 -29.28 -16.41
N ASP B 458 24.91 -29.29 -17.62
CA ASP B 458 26.27 -29.86 -17.84
C ASP B 458 26.43 -31.11 -16.96
N ASN B 459 25.47 -32.03 -17.04
CA ASN B 459 25.56 -33.37 -16.44
C ASN B 459 25.78 -33.33 -14.93
N LYS B 460 25.49 -32.23 -14.26
CA LYS B 460 25.68 -32.12 -12.78
C LYS B 460 24.41 -32.50 -12.03
N LEU B 461 23.28 -32.74 -12.71
CA LEU B 461 22.00 -33.04 -12.00
C LEU B 461 21.83 -34.56 -11.92
N LYS B 462 21.79 -35.09 -10.69
CA LYS B 462 21.73 -36.55 -10.44
C LYS B 462 20.28 -36.96 -10.18
N ALA B 463 19.98 -38.20 -10.53
CA ALA B 463 18.66 -38.85 -10.37
C ALA B 463 18.66 -39.59 -9.03
N HIS B 464 17.70 -39.28 -8.18
CA HIS B 464 17.38 -40.08 -6.99
C HIS B 464 16.54 -41.28 -7.40
N LYS B 465 15.45 -41.04 -8.12
CA LYS B 465 14.54 -42.10 -8.58
C LYS B 465 15.23 -42.95 -9.65
N ASP B 466 14.75 -44.20 -9.74
CA ASP B 466 15.05 -45.18 -10.81
C ASP B 466 14.38 -44.68 -12.08
N LYS B 467 14.82 -45.14 -13.25
CA LYS B 467 14.00 -45.08 -14.49
C LYS B 467 12.60 -45.61 -14.15
N SER B 468 11.53 -44.92 -14.54
CA SER B 468 10.12 -45.32 -14.32
C SER B 468 9.68 -46.41 -15.31
N ALA B 469 10.26 -46.44 -16.51
CA ALA B 469 9.73 -47.24 -17.62
C ALA B 469 8.31 -46.76 -17.99
N GLN B 470 7.98 -45.49 -17.74
CA GLN B 470 6.71 -44.84 -18.20
C GLN B 470 7.00 -43.47 -18.84
N CYS B 471 8.14 -43.34 -19.52
CA CYS B 471 8.56 -42.14 -20.26
C CYS B 471 8.65 -42.48 -21.74
N PHE B 472 7.68 -42.04 -22.53
CA PHE B 472 7.60 -42.32 -23.99
C PHE B 472 7.76 -41.03 -24.77
N LYS B 473 8.32 -41.19 -25.97
CA LYS B 473 8.55 -40.13 -26.94
C LYS B 473 8.02 -40.65 -28.28
N MET B 474 7.39 -39.80 -29.05
CA MET B 474 6.93 -40.16 -30.41
C MET B 474 7.21 -38.96 -31.29
N PHE B 475 7.92 -39.19 -32.38
CA PHE B 475 8.23 -38.18 -33.41
C PHE B 475 7.07 -38.17 -34.42
N TYR B 476 6.20 -37.16 -34.31
CA TYR B 476 5.01 -36.98 -35.16
C TYR B 476 4.77 -35.50 -35.45
N LYS B 477 5.20 -35.02 -36.62
CA LYS B 477 5.14 -33.57 -36.97
C LYS B 477 3.66 -33.14 -37.08
N GLY B 478 2.78 -34.02 -37.51
CA GLY B 478 1.34 -33.74 -37.52
C GLY B 478 1.02 -32.64 -38.50
N VAL B 479 0.14 -31.72 -38.14
CA VAL B 479 -0.30 -30.63 -39.05
C VAL B 479 -0.54 -29.43 -38.17
N ILE B 480 0.03 -28.30 -38.56
CA ILE B 480 0.11 -27.09 -37.70
C ILE B 480 -0.93 -26.12 -38.22
N THR B 481 -1.97 -25.87 -37.41
CA THR B 481 -2.96 -24.80 -37.72
C THR B 481 -2.58 -23.68 -36.79
N HIS B 482 -3.21 -22.50 -36.95
CA HIS B 482 -2.96 -21.30 -36.12
C HIS B 482 -4.28 -20.59 -35.82
N ASP B 483 -4.58 -20.36 -34.55
CA ASP B 483 -5.59 -19.38 -34.13
C ASP B 483 -4.83 -18.06 -33.95
N VAL B 484 -4.81 -17.26 -35.03
CA VAL B 484 -3.97 -16.03 -35.18
C VAL B 484 -2.51 -16.49 -35.32
N SER B 485 -1.71 -16.36 -34.26
CA SER B 485 -0.29 -16.76 -34.17
C SER B 485 -0.11 -17.97 -33.24
N SER B 486 -1.08 -18.25 -32.36
CA SER B 486 -1.03 -19.39 -31.39
C SER B 486 -1.25 -20.69 -32.17
N ALA B 487 -0.39 -21.70 -31.94
CA ALA B 487 -0.25 -22.90 -32.79
C ALA B 487 -1.22 -23.99 -32.31
N ILE B 488 -1.68 -24.80 -33.23
CA ILE B 488 -2.57 -25.97 -32.95
C ILE B 488 -2.07 -27.13 -33.82
N ASN B 489 -2.05 -28.33 -33.26
CA ASN B 489 -1.68 -29.57 -33.98
C ASN B 489 -2.71 -30.65 -33.67
N ARG B 490 -3.76 -30.73 -34.48
CA ARG B 490 -4.88 -31.67 -34.24
C ARG B 490 -4.35 -33.10 -34.32
N PRO B 491 -3.60 -33.47 -35.37
CA PRO B 491 -3.04 -34.82 -35.45
C PRO B 491 -2.24 -35.21 -34.18
N GLN B 492 -1.50 -34.29 -33.56
CA GLN B 492 -0.72 -34.59 -32.32
C GLN B 492 -1.70 -34.89 -31.16
N ILE B 493 -2.81 -34.16 -31.07
CA ILE B 493 -3.92 -34.51 -30.12
C ILE B 493 -4.57 -35.86 -30.52
N GLY B 494 -4.59 -36.20 -31.81
CA GLY B 494 -5.18 -37.44 -32.32
C GLY B 494 -4.40 -38.66 -31.87
N VAL B 495 -3.09 -38.65 -32.11
CA VAL B 495 -2.13 -39.65 -31.54
C VAL B 495 -2.29 -39.78 -30.01
N VAL B 496 -2.51 -38.71 -29.24
CA VAL B 496 -2.71 -38.76 -27.75
C VAL B 496 -4.01 -39.51 -27.43
N ARG B 497 -5.11 -39.16 -28.08
CA ARG B 497 -6.40 -39.87 -27.93
C ARG B 497 -6.12 -41.38 -28.13
N GLU B 498 -5.43 -41.75 -29.20
CA GLU B 498 -5.12 -43.17 -29.51
C GLU B 498 -4.38 -43.79 -28.32
N PHE B 499 -3.31 -43.15 -27.85
CA PHE B 499 -2.47 -43.65 -26.74
C PHE B 499 -3.32 -43.87 -25.47
N LEU B 500 -4.21 -42.93 -25.16
CA LEU B 500 -5.02 -42.95 -23.92
C LEU B 500 -5.90 -44.20 -23.85
N THR B 501 -6.57 -44.57 -24.96
CA THR B 501 -7.43 -45.77 -25.06
C THR B 501 -6.63 -47.00 -24.62
N ARG B 502 -5.32 -47.06 -24.92
CA ARG B 502 -4.43 -48.25 -24.74
C ARG B 502 -3.56 -48.10 -23.49
N ASN B 503 -3.72 -47.01 -22.75
CA ASN B 503 -2.86 -46.68 -21.59
C ASN B 503 -3.72 -45.99 -20.53
N PRO B 504 -4.78 -46.65 -19.98
CA PRO B 504 -5.79 -45.95 -19.17
C PRO B 504 -5.25 -45.34 -17.88
N ALA B 505 -4.07 -45.77 -17.41
CA ALA B 505 -3.35 -45.19 -16.25
C ALA B 505 -3.13 -43.68 -16.45
N TRP B 506 -3.10 -43.24 -17.70
CA TRP B 506 -2.74 -41.85 -18.09
C TRP B 506 -3.98 -40.98 -18.14
N ARG B 507 -5.16 -41.56 -17.90
CA ARG B 507 -6.45 -40.84 -18.01
C ARG B 507 -6.44 -39.63 -17.06
N LYS B 508 -5.65 -39.71 -15.99
CA LYS B 508 -5.52 -38.66 -14.95
C LYS B 508 -4.34 -37.72 -15.28
N ALA B 509 -3.78 -37.77 -16.49
CA ALA B 509 -2.58 -36.99 -16.91
C ALA B 509 -2.95 -35.54 -17.18
N VAL B 510 -2.05 -34.62 -16.84
CA VAL B 510 -2.05 -33.20 -17.29
C VAL B 510 -1.52 -33.16 -18.72
N PHE B 511 -2.26 -32.52 -19.62
CA PHE B 511 -1.85 -32.21 -21.02
C PHE B 511 -1.06 -30.90 -21.04
N ILE B 512 0.09 -30.89 -21.69
CA ILE B 512 1.01 -29.72 -21.69
C ILE B 512 1.52 -29.49 -23.10
N SER B 513 1.59 -28.21 -23.47
CA SER B 513 2.01 -27.71 -24.79
C SER B 513 2.49 -26.29 -24.59
N PRO B 514 3.30 -25.79 -25.52
CA PRO B 514 3.77 -24.41 -25.46
C PRO B 514 2.76 -23.37 -25.97
N TYR B 515 1.50 -23.74 -26.22
CA TYR B 515 0.48 -22.89 -26.90
C TYR B 515 -0.91 -23.10 -26.30
N ASN B 516 -1.57 -22.00 -25.91
CA ASN B 516 -2.92 -22.01 -25.29
C ASN B 516 -3.93 -22.64 -26.26
N SER B 517 -3.77 -22.34 -27.53
CA SER B 517 -4.75 -22.78 -28.54
C SER B 517 -4.67 -24.30 -28.68
N GLN B 518 -3.46 -24.90 -28.62
CA GLN B 518 -3.33 -26.39 -28.57
C GLN B 518 -4.04 -26.89 -27.31
N ASN B 519 -3.78 -26.26 -26.17
CA ASN B 519 -4.39 -26.61 -24.87
C ASN B 519 -5.92 -26.55 -25.03
N ALA B 520 -6.46 -25.48 -25.62
CA ALA B 520 -7.93 -25.30 -25.83
C ALA B 520 -8.50 -26.51 -26.57
N VAL B 521 -7.89 -26.92 -27.69
CA VAL B 521 -8.38 -28.05 -28.53
C VAL B 521 -8.20 -29.38 -27.76
N ALA B 522 -7.06 -29.57 -27.08
CA ALA B 522 -6.77 -30.77 -26.25
C ALA B 522 -7.81 -30.91 -25.12
N SER B 523 -8.26 -29.79 -24.56
CA SER B 523 -9.35 -29.75 -23.54
C SER B 523 -10.64 -30.37 -24.13
N LYS B 524 -11.16 -29.88 -25.25
CA LYS B 524 -12.41 -30.37 -25.90
C LYS B 524 -12.30 -31.87 -26.22
N ILE B 525 -11.20 -32.33 -26.78
CA ILE B 525 -11.12 -33.70 -27.40
C ILE B 525 -10.75 -34.74 -26.33
N LEU B 526 -9.82 -34.40 -25.42
CA LEU B 526 -9.23 -35.35 -24.43
C LEU B 526 -9.92 -35.23 -23.07
N GLY B 527 -10.32 -34.02 -22.70
CA GLY B 527 -10.95 -33.74 -21.40
C GLY B 527 -9.96 -33.76 -20.25
N LEU B 528 -8.65 -33.86 -20.52
CA LEU B 528 -7.57 -33.84 -19.48
C LEU B 528 -7.52 -32.43 -18.95
N PRO B 529 -7.13 -32.17 -17.68
CA PRO B 529 -6.74 -30.82 -17.30
C PRO B 529 -5.57 -30.38 -18.20
N THR B 530 -5.41 -29.06 -18.34
CA THR B 530 -4.58 -28.44 -19.40
C THR B 530 -3.70 -27.35 -18.77
N GLN B 531 -2.48 -27.23 -19.24
CA GLN B 531 -1.47 -26.30 -18.69
C GLN B 531 -0.50 -25.91 -19.83
N THR B 532 -0.15 -24.64 -19.99
CA THR B 532 0.99 -24.21 -20.85
C THR B 532 2.28 -24.57 -20.13
N VAL B 533 3.35 -24.80 -20.88
CA VAL B 533 4.66 -25.07 -20.23
C VAL B 533 4.90 -23.97 -19.20
N ASP B 534 4.71 -22.72 -19.60
CA ASP B 534 5.01 -21.50 -18.78
C ASP B 534 4.10 -21.48 -17.54
N SER B 535 2.83 -21.85 -17.63
CA SER B 535 1.95 -21.89 -16.40
C SER B 535 2.22 -23.14 -15.53
N SER B 536 2.86 -24.18 -16.06
CA SER B 536 3.16 -25.46 -15.36
C SER B 536 4.36 -25.31 -14.43
N GLN B 537 5.18 -24.28 -14.61
CA GLN B 537 6.48 -24.13 -13.91
C GLN B 537 6.24 -24.07 -12.41
N GLY B 538 6.99 -24.84 -11.62
CA GLY B 538 6.84 -24.92 -10.15
C GLY B 538 5.84 -25.97 -9.66
N SER B 539 5.07 -26.59 -10.56
CA SER B 539 4.07 -27.65 -10.30
C SER B 539 4.62 -29.01 -10.73
N GLU B 540 3.98 -30.08 -10.26
CA GLU B 540 4.31 -31.50 -10.55
C GLU B 540 3.01 -32.31 -10.58
N TYR B 541 2.98 -33.30 -11.44
CA TYR B 541 1.83 -34.21 -11.65
C TYR B 541 2.40 -35.60 -11.89
N ASP B 542 1.68 -36.64 -11.51
CA ASP B 542 2.13 -38.05 -11.70
C ASP B 542 2.43 -38.26 -13.17
N TYR B 543 1.49 -37.90 -14.01
CA TYR B 543 1.56 -38.13 -15.47
C TYR B 543 1.40 -36.81 -16.19
N VAL B 544 2.16 -36.67 -17.27
CA VAL B 544 2.22 -35.47 -18.14
C VAL B 544 2.10 -35.99 -19.56
N ILE B 545 1.25 -35.36 -20.38
CA ILE B 545 1.31 -35.54 -21.85
C ILE B 545 1.75 -34.20 -22.40
N PHE B 546 2.81 -34.22 -23.23
CA PHE B 546 3.42 -33.03 -23.88
C PHE B 546 3.34 -33.23 -25.39
N THR B 547 2.63 -32.35 -26.10
CA THR B 547 2.74 -32.19 -27.58
C THR B 547 3.51 -30.91 -27.85
N GLN B 548 4.67 -31.00 -28.50
CA GLN B 548 5.54 -29.84 -28.83
C GLN B 548 4.75 -28.86 -29.71
N THR B 549 3.80 -29.37 -30.46
CA THR B 549 2.83 -28.61 -31.30
C THR B 549 3.51 -28.15 -32.59
N THR B 550 4.56 -27.34 -32.51
CA THR B 550 5.31 -26.84 -33.70
C THR B 550 6.81 -27.06 -33.51
N GLU B 551 7.58 -26.80 -34.56
CA GLU B 551 9.02 -26.46 -34.48
C GLU B 551 9.16 -24.94 -34.67
N THR B 552 9.26 -24.24 -33.56
CA THR B 552 9.60 -22.81 -33.48
C THR B 552 10.62 -22.60 -32.35
N ALA B 553 11.14 -21.39 -32.22
CA ALA B 553 12.12 -21.04 -31.20
C ALA B 553 11.43 -21.15 -29.84
N HIS B 554 10.15 -20.82 -29.78
CA HIS B 554 9.30 -20.94 -28.57
C HIS B 554 9.23 -22.42 -28.15
N SER B 555 8.80 -23.29 -29.04
CA SER B 555 8.57 -24.73 -28.76
C SER B 555 9.88 -25.51 -28.57
N CYS B 556 11.01 -25.00 -29.05
CA CYS B 556 12.30 -25.72 -29.00
C CYS B 556 13.21 -25.04 -28.01
N ASN B 557 12.73 -23.99 -27.37
CA ASN B 557 13.53 -23.32 -26.33
C ASN B 557 13.88 -24.42 -25.31
N VAL B 558 15.18 -24.60 -25.03
CA VAL B 558 15.68 -25.70 -24.18
C VAL B 558 15.19 -25.47 -22.75
N ASN B 559 14.98 -24.21 -22.36
CA ASN B 559 14.52 -23.90 -20.97
C ASN B 559 13.07 -24.35 -20.82
N ARG B 560 12.17 -23.96 -21.72
CA ARG B 560 10.75 -24.39 -21.76
C ARG B 560 10.71 -25.92 -21.81
N PHE B 561 11.49 -26.53 -22.70
CA PHE B 561 11.56 -28.01 -22.80
C PHE B 561 11.91 -28.64 -21.45
N ASN B 562 12.90 -28.10 -20.76
CA ASN B 562 13.41 -28.61 -19.47
C ASN B 562 12.22 -28.59 -18.48
N VAL B 563 11.57 -27.44 -18.31
CA VAL B 563 10.37 -27.29 -17.42
C VAL B 563 9.29 -28.30 -17.85
N ALA B 564 9.00 -28.37 -19.16
CA ALA B 564 7.90 -29.21 -19.70
C ALA B 564 8.03 -30.63 -19.15
N ILE B 565 9.22 -31.21 -19.30
CA ILE B 565 9.40 -32.66 -19.08
C ILE B 565 9.66 -32.96 -17.59
N THR B 566 10.09 -31.95 -16.80
CA THR B 566 10.41 -32.10 -15.36
C THR B 566 9.17 -31.78 -14.51
N ARG B 567 7.97 -31.70 -15.07
CA ARG B 567 6.73 -31.60 -14.27
C ARG B 567 6.35 -33.00 -13.74
N ALA B 568 6.80 -34.08 -14.39
CA ALA B 568 6.30 -35.46 -14.19
C ALA B 568 7.03 -36.19 -13.04
N LYS B 569 6.24 -36.84 -12.20
CA LYS B 569 6.74 -37.65 -11.05
C LYS B 569 6.89 -39.12 -11.45
N VAL B 570 6.08 -39.61 -12.41
CA VAL B 570 5.97 -41.06 -12.73
C VAL B 570 6.17 -41.28 -14.23
N GLY B 571 5.30 -40.73 -15.05
CA GLY B 571 5.35 -40.95 -16.50
C GLY B 571 5.20 -39.67 -17.32
N ILE B 572 5.71 -39.72 -18.55
CA ILE B 572 5.52 -38.64 -19.55
C ILE B 572 5.48 -39.25 -20.95
N LEU B 573 4.57 -38.73 -21.76
CA LEU B 573 4.48 -38.94 -23.22
C LEU B 573 4.78 -37.59 -23.88
N CYS B 574 5.81 -37.59 -24.72
CA CYS B 574 6.25 -36.45 -25.54
C CYS B 574 6.01 -36.82 -26.99
N ILE B 575 5.07 -36.12 -27.59
CA ILE B 575 4.82 -36.09 -29.06
C ILE B 575 5.61 -34.89 -29.53
N MET B 576 6.67 -35.15 -30.29
CA MET B 576 7.75 -34.18 -30.64
C MET B 576 7.68 -33.77 -32.12
N SER B 577 8.07 -32.54 -32.42
CA SER B 577 8.20 -32.00 -33.80
C SER B 577 9.65 -31.82 -34.20
N ASP B 578 10.54 -31.73 -33.21
CA ASP B 578 11.96 -31.37 -33.32
C ASP B 578 12.82 -32.63 -33.21
N ARG B 579 13.57 -32.93 -34.28
CA ARG B 579 14.43 -34.12 -34.41
C ARG B 579 15.44 -34.12 -33.27
N ASP B 580 16.17 -33.01 -33.17
CA ASP B 580 17.17 -32.71 -32.13
C ASP B 580 16.59 -33.12 -30.75
N LEU B 581 15.56 -32.41 -30.31
CA LEU B 581 15.04 -32.57 -28.92
C LEU B 581 14.46 -33.96 -28.76
N TYR B 582 13.82 -34.49 -29.80
CA TYR B 582 13.31 -35.88 -29.80
C TYR B 582 14.48 -36.85 -29.53
N ASP B 583 15.59 -36.75 -30.29
CA ASP B 583 16.74 -37.70 -30.20
C ASP B 583 17.36 -37.63 -28.80
N LYS B 584 17.49 -36.42 -28.24
CA LYS B 584 18.09 -36.18 -26.90
C LYS B 584 17.19 -36.75 -25.80
N LEU B 585 15.90 -37.02 -26.06
CA LEU B 585 15.00 -37.56 -25.00
C LEU B 585 15.37 -39.02 -24.70
N GLN B 586 15.93 -39.31 -23.54
CA GLN B 586 16.35 -40.68 -23.17
C GLN B 586 15.11 -41.48 -22.76
N PHE B 587 14.13 -41.61 -23.66
CA PHE B 587 12.85 -42.31 -23.43
C PHE B 587 12.73 -43.43 -24.44
N THR B 588 11.83 -44.35 -24.10
CA THR B 588 11.32 -45.40 -24.98
C THR B 588 10.53 -44.77 -26.13
N SER B 589 11.01 -44.93 -27.36
CA SER B 589 10.28 -44.49 -28.56
C SER B 589 9.05 -45.38 -28.75
N LEU B 590 7.89 -44.77 -29.00
CA LEU B 590 6.65 -45.47 -29.45
C LEU B 590 6.56 -45.44 -30.98
N GLU B 591 5.74 -46.35 -31.51
CA GLU B 591 5.45 -46.52 -32.95
C GLU B 591 3.97 -46.18 -33.20
N ILE B 592 3.71 -45.29 -34.16
CA ILE B 592 2.43 -45.13 -34.95
C ILE B 592 2.59 -43.89 -35.83
#